data_3UQR
#
_entry.id   3UQR
#
_cell.length_a   107.514
_cell.length_b   132.121
_cell.length_c   163.393
_cell.angle_alpha   90.00
_cell.angle_beta   90.00
_cell.angle_gamma   90.00
#
_symmetry.space_group_name_H-M   'P 21 21 21'
#
loop_
_entity.id
_entity.type
_entity.pdbx_description
1 polymer 'Beta-secretase 1'
2 polymer 'METHYL (2S)-1-[(2R,5S,8S,12S,13S)-2,13-DIBENZYL-12-HYDROXY-3,5-DIMETHYL-15-(3-[METHYL(METHYLSULFONYL)AMINO]-5-{[(1R)-1-PHENYLETHYL]CARBAMOYL}PHENYL)-8-(2-METHYLPROPYL)-4,7,10,15-TETRAOXO-3,6,9,14-TETRAAZAPENTADECAN-1-OYL]PYRROLIDINE-2-CARBOXYLATE'
3 water water
#
loop_
_entity_poly.entity_id
_entity_poly.type
_entity_poly.pdbx_seq_one_letter_code
_entity_poly.pdbx_strand_id
1 'polypeptide(L)'
;MGSSHHHHHHSAGENLYFQGTLPRETDEEPEEPGRRGSFVEMVDNLRGKSGQGYYVEMTVGSPPQTLNILVDTGSSNFAV
GAAPHPFLHRYYQRQLSSTYRDLRKGVYVPYTQGKWEGELGTDLVSIPHGPNVTVRANIAAITESDKFFINGSNWEGILG
LAYAEIARPDDSLEPFFDSLVKQTHVPNLFSLQLCGAGFPLNQSEVLASVGGSMIIGGIDHSLYTGSLWYTPIRREWYYE
VIIVRVEINGQDLKMDCKEYNYDKSIVDSGTTNLRLPKKVFEAAVKSIKAASSTEKFPDGFWLGEQLVCWQAGTTPWNIF
PVISLYLMGEVTNQSFRITILPQQYLRPVEDVATSQDDCYKFAISQSSTGTVMGAVIMEGFYVVFDRARKRIGFAVSACH
VHDEFRTAAVEGPFVTLDMEDCGYNIPQTDEST
;
A,B,C
2 'polypeptide(L)' (QSC)(ZSC)(PSA)LA(ZAE)(PLJ) D,E,F
#
loop_
_chem_comp.id
_chem_comp.type
_chem_comp.name
_chem_comp.formula
PSA peptide-like '3-HYDROXY-4-AMINO-5-PHENYLPENTANOIC ACID' 'C11 H15 N O3'
QSC non-polymer (1R)-1-phenylethanamine 'C8 H11 N'
ZSC non-polymer '5-[methyl(methylsulfonyl)amino]benzene-1,3-dicarboxylic acid' 'C10 H11 N O6 S'
#
# COMPACT_ATOMS: atom_id res chain seq x y z
N SER A 38 2.91 19.10 33.57
CA SER A 38 2.31 18.08 32.69
C SER A 38 2.69 18.21 31.19
N PHE A 39 2.02 19.13 30.49
CA PHE A 39 2.31 19.38 29.08
C PHE A 39 3.51 20.32 28.94
N VAL A 40 4.03 20.79 30.06
CA VAL A 40 5.20 21.66 30.06
C VAL A 40 6.40 20.97 29.40
N GLU A 41 6.45 19.64 29.50
CA GLU A 41 7.51 18.85 28.86
C GLU A 41 7.50 19.01 27.33
N MET A 42 6.35 19.41 26.79
CA MET A 42 6.16 19.50 25.35
C MET A 42 6.14 20.93 24.89
N VAL A 43 6.06 21.88 25.82
CA VAL A 43 6.11 23.28 25.43
C VAL A 43 7.49 23.55 24.85
N ASP A 44 7.53 24.25 23.73
CA ASP A 44 8.77 24.58 23.05
C ASP A 44 9.43 23.39 22.32
N ASN A 45 8.67 22.36 22.02
CA ASN A 45 9.26 21.19 21.37
C ASN A 45 9.44 21.28 19.84
N LEU A 46 8.94 22.36 19.22
CA LEU A 46 9.16 22.59 17.79
C LEU A 46 10.23 23.64 17.56
N ARG A 47 11.14 23.36 16.64
CA ARG A 47 12.11 24.36 16.21
C ARG A 47 11.98 24.49 14.70
N GLY A 48 12.70 25.43 14.11
CA GLY A 48 12.55 25.69 12.69
C GLY A 48 13.58 26.69 12.21
N LYS A 49 14.14 26.45 11.03
CA LYS A 49 15.15 27.35 10.47
C LYS A 49 14.52 28.59 9.83
N SER A 50 13.34 28.99 10.31
CA SER A 50 12.62 30.16 9.81
C SER A 50 12.30 30.15 8.30
N GLY A 51 11.09 29.74 7.96
CA GLY A 51 10.66 29.75 6.58
C GLY A 51 10.96 28.43 5.91
N GLN A 52 11.44 27.48 6.70
CA GLN A 52 11.78 26.14 6.23
C GLN A 52 10.96 25.08 6.94
N GLY A 53 10.02 25.50 7.78
CA GLY A 53 9.07 24.57 8.34
C GLY A 53 9.39 24.18 9.78
N TYR A 54 8.35 23.91 10.54
CA TYR A 54 8.51 23.64 11.95
C TYR A 54 8.64 22.14 12.16
N TYR A 55 9.64 21.72 12.95
CA TYR A 55 9.86 20.28 13.18
C TYR A 55 10.02 19.85 14.64
N VAL A 56 9.46 18.68 14.94
CA VAL A 56 9.60 18.05 16.26
C VAL A 56 10.57 16.89 16.18
N GLU A 57 11.55 16.83 17.08
CA GLU A 57 12.48 15.70 17.12
C GLU A 57 11.80 14.38 17.46
N MET A 58 12.12 13.33 16.71
CA MET A 58 11.63 12.00 17.03
C MET A 58 12.78 11.01 16.93
N THR A 59 12.62 9.83 17.50
CA THR A 59 13.59 8.77 17.29
C THR A 59 12.91 7.59 16.62
N VAL A 60 13.67 6.91 15.79
CA VAL A 60 13.17 5.74 15.09
C VAL A 60 14.05 4.54 15.40
N GLY A 61 13.42 3.39 15.57
CA GLY A 61 14.11 2.11 15.61
C GLY A 61 14.86 1.75 16.87
N SER A 62 15.45 0.57 16.84
CA SER A 62 16.16 0.04 17.98
C SER A 62 17.54 -0.39 17.52
N PRO A 63 18.61 0.24 18.06
CA PRO A 63 18.61 1.37 18.98
C PRO A 63 18.06 2.65 18.30
N PRO A 64 17.70 3.66 19.10
CA PRO A 64 16.92 4.77 18.55
C PRO A 64 17.77 5.80 17.83
N GLN A 65 17.60 5.93 16.51
CA GLN A 65 18.28 6.96 15.74
C GLN A 65 17.44 8.21 15.65
N THR A 66 17.99 9.29 16.20
CA THR A 66 17.28 10.54 16.33
C THR A 66 17.17 11.22 14.98
N LEU A 67 15.98 11.72 14.66
CA LEU A 67 15.72 12.45 13.43
C LEU A 67 14.78 13.62 13.73
N ASN A 68 15.03 14.75 13.09
CA ASN A 68 14.09 15.87 13.13
C ASN A 68 12.99 15.65 12.09
N ILE A 69 11.75 15.57 12.55
CA ILE A 69 10.62 15.37 11.65
C ILE A 69 9.79 16.64 11.49
N LEU A 70 9.41 16.97 10.25
CA LEU A 70 8.56 18.13 9.98
C LEU A 70 7.12 17.82 10.35
N VAL A 71 6.44 18.82 10.92
CA VAL A 71 5.05 18.66 11.32
C VAL A 71 4.13 19.14 10.21
N ASP A 72 3.30 18.24 9.70
CA ASP A 72 2.51 18.54 8.52
C ASP A 72 1.07 18.03 8.62
N THR A 73 0.14 18.94 8.85
CA THR A 73 -1.25 18.51 8.93
C THR A 73 -1.88 18.43 7.53
N GLY A 74 -1.07 18.67 6.51
CA GLY A 74 -1.55 18.63 5.14
C GLY A 74 -1.49 17.23 4.56
N SER A 75 -0.47 16.47 4.98
CA SER A 75 -0.23 15.13 4.48
C SER A 75 -0.71 14.16 5.56
N SER A 76 -0.75 12.87 5.24
CA SER A 76 -1.17 11.84 6.18
C SER A 76 -0.20 10.68 6.20
N ASN A 77 1.04 10.92 5.80
CA ASN A 77 2.04 9.85 5.67
C ASN A 77 3.24 10.12 6.58
N PHE A 78 3.68 9.09 7.29
CA PHE A 78 4.92 9.20 8.03
C PHE A 78 6.04 8.75 7.09
N ALA A 79 7.08 9.56 6.98
CA ALA A 79 8.13 9.28 6.00
C ALA A 79 9.41 9.97 6.40
N VAL A 80 10.50 9.23 6.40
CA VAL A 80 11.79 9.80 6.75
C VAL A 80 12.81 9.51 5.66
N GLY A 81 13.69 10.47 5.38
CA GLY A 81 14.80 10.25 4.48
C GLY A 81 15.52 8.98 4.88
N ALA A 82 15.69 8.05 3.95
CA ALA A 82 16.23 6.75 4.30
C ALA A 82 17.48 6.40 3.50
N ALA A 83 17.97 7.38 2.75
CA ALA A 83 19.16 7.21 1.92
C ALA A 83 19.70 8.60 1.62
N PRO A 84 21.02 8.71 1.48
CA PRO A 84 21.72 10.00 1.43
C PRO A 84 21.12 10.96 0.43
N HIS A 85 21.34 12.25 0.68
CA HIS A 85 20.82 13.32 -0.17
C HIS A 85 21.68 14.51 0.21
N PRO A 86 21.94 15.42 -0.74
CA PRO A 86 22.85 16.54 -0.49
C PRO A 86 22.39 17.45 0.63
N PHE A 87 21.08 17.56 0.82
CA PHE A 87 20.51 18.56 1.71
C PHE A 87 20.40 18.10 3.15
N LEU A 88 20.32 16.80 3.36
CA LEU A 88 20.12 16.28 4.72
C LEU A 88 21.36 15.65 5.36
N HIS A 89 21.69 16.15 6.55
CA HIS A 89 22.92 15.80 7.24
C HIS A 89 22.84 14.44 7.91
N ARG A 90 21.68 13.80 7.83
CA ARG A 90 21.56 12.43 8.34
C ARG A 90 20.31 11.78 7.81
N TYR A 91 20.14 10.49 8.13
CA TYR A 91 18.95 9.78 7.69
C TYR A 91 18.75 8.44 8.39
N TYR A 92 17.74 7.73 7.93
CA TYR A 92 17.29 6.50 8.57
C TYR A 92 17.95 5.27 7.93
N GLN A 93 18.77 4.60 8.74
CA GLN A 93 19.48 3.41 8.30
C GLN A 93 18.73 2.18 8.73
N ARG A 94 17.80 1.69 7.90
CA ARG A 94 16.95 0.56 8.28
C ARG A 94 17.83 -0.63 8.65
N GLN A 95 18.93 -0.74 7.91
CA GLN A 95 19.90 -1.81 8.11
C GLN A 95 20.22 -1.96 9.61
N LEU A 96 20.39 -0.83 10.32
CA LEU A 96 20.79 -0.86 11.72
C LEU A 96 19.65 -0.90 12.71
N SER A 97 18.43 -1.16 12.25
CA SER A 97 17.35 -1.17 13.24
C SER A 97 16.79 -2.55 13.41
N SER A 98 16.98 -3.09 14.61
CA SER A 98 16.50 -4.43 14.89
C SER A 98 14.96 -4.54 14.87
N THR A 99 14.27 -3.46 15.23
CA THR A 99 12.81 -3.52 15.32
C THR A 99 12.14 -3.27 13.97
N TYR A 100 12.95 -2.99 12.93
CA TYR A 100 12.44 -2.64 11.60
C TYR A 100 11.94 -3.83 10.78
N ARG A 101 10.69 -3.81 10.37
CA ARG A 101 10.19 -4.78 9.40
C ARG A 101 10.09 -4.10 8.04
N ASP A 102 9.88 -4.88 7.00
CA ASP A 102 9.75 -4.35 5.66
C ASP A 102 8.43 -4.85 5.07
N LEU A 103 7.63 -3.93 4.54
CA LEU A 103 6.28 -4.26 4.09
C LEU A 103 6.20 -4.80 2.65
N ARG A 104 7.24 -4.58 1.86
CA ARG A 104 7.30 -5.14 0.51
C ARG A 104 6.33 -4.48 -0.49
N LYS A 105 6.11 -3.17 -0.32
CA LYS A 105 5.26 -2.40 -1.19
C LYS A 105 5.86 -1.01 -1.25
N GLY A 106 5.89 -0.43 -2.45
CA GLY A 106 6.43 0.90 -2.68
C GLY A 106 5.36 1.95 -2.51
N VAL A 107 5.77 3.22 -2.40
CA VAL A 107 4.84 4.33 -2.19
C VAL A 107 5.31 5.59 -2.90
N TYR A 108 4.36 6.32 -3.49
CA TYR A 108 4.65 7.60 -4.12
C TYR A 108 3.75 8.70 -3.54
N VAL A 109 4.37 9.77 -3.05
CA VAL A 109 3.62 10.90 -2.53
C VAL A 109 3.97 12.21 -3.23
N PRO A 110 2.95 12.86 -3.81
CA PRO A 110 3.18 14.17 -4.40
C PRO A 110 2.64 15.32 -3.55
N TYR A 111 3.50 16.26 -3.23
CA TYR A 111 3.07 17.46 -2.56
C TYR A 111 2.87 18.58 -3.58
N THR A 112 1.94 19.47 -3.32
CA THR A 112 1.81 20.72 -4.06
C THR A 112 3.17 21.30 -4.39
N GLN A 113 4.12 21.13 -3.48
CA GLN A 113 5.50 21.53 -3.71
C GLN A 113 6.39 20.35 -3.39
N GLY A 114 7.02 19.79 -4.41
CA GLY A 114 7.90 18.65 -4.22
C GLY A 114 7.19 17.31 -4.25
N LYS A 115 7.97 16.24 -4.34
CA LYS A 115 7.43 14.88 -4.31
C LYS A 115 8.53 13.88 -3.92
N TRP A 116 8.12 12.73 -3.41
CA TRP A 116 9.09 11.67 -3.14
C TRP A 116 8.48 10.29 -3.39
N GLU A 117 9.34 9.29 -3.47
CA GLU A 117 8.91 7.89 -3.53
C GLU A 117 9.82 7.08 -2.61
N GLY A 118 9.28 6.02 -2.02
CA GLY A 118 10.05 5.30 -1.04
C GLY A 118 9.50 3.92 -0.79
N GLU A 119 10.09 3.25 0.20
CA GLU A 119 9.72 1.89 0.55
C GLU A 119 9.01 1.92 1.91
N LEU A 120 7.95 1.11 2.03
CA LEU A 120 7.13 1.12 3.23
C LEU A 120 7.62 0.10 4.24
N GLY A 121 7.98 0.57 5.42
CA GLY A 121 8.31 -0.32 6.53
C GLY A 121 7.43 -0.08 7.73
N THR A 122 7.71 -0.78 8.83
CA THR A 122 7.23 -0.38 10.15
C THR A 122 8.45 -0.36 11.05
N ASP A 123 8.28 0.04 12.31
CA ASP A 123 9.41 0.21 13.23
C ASP A 123 8.92 0.94 14.47
N LEU A 124 9.74 0.97 15.52
CA LEU A 124 9.34 1.62 16.77
C LEU A 124 9.64 3.11 16.76
N VAL A 125 8.60 3.90 17.00
CA VAL A 125 8.69 5.34 17.02
C VAL A 125 8.46 5.88 18.41
N SER A 126 9.11 7.00 18.70
CA SER A 126 9.04 7.62 20.00
C SER A 126 9.25 9.12 19.83
N ILE A 127 8.88 9.89 20.85
CA ILE A 127 9.12 11.33 20.83
C ILE A 127 9.69 11.81 22.14
N PRO A 128 10.96 12.24 22.14
CA PRO A 128 11.63 12.80 23.31
C PRO A 128 10.76 13.82 24.07
N HIS A 129 10.51 14.99 23.46
CA HIS A 129 9.72 16.02 24.12
C HIS A 129 8.24 15.86 23.77
N GLY A 130 7.76 14.64 23.88
CA GLY A 130 6.34 14.33 23.77
C GLY A 130 6.04 13.36 24.89
N PRO A 131 4.93 12.62 24.77
CA PRO A 131 4.61 11.54 25.71
C PRO A 131 5.71 10.50 25.83
N ASN A 132 6.01 10.01 27.03
CA ASN A 132 6.95 8.88 27.11
C ASN A 132 6.22 7.60 26.75
N VAL A 133 5.93 7.46 25.47
CA VAL A 133 5.37 6.24 24.92
C VAL A 133 6.18 5.90 23.67
N THR A 134 5.87 4.74 23.10
CA THR A 134 6.63 4.18 21.99
C THR A 134 5.69 3.30 21.16
N VAL A 135 5.52 3.59 19.88
CA VAL A 135 4.68 2.70 19.08
C VAL A 135 5.33 2.14 17.84
N ARG A 136 4.73 1.06 17.35
CA ARG A 136 5.01 0.56 16.04
C ARG A 136 4.03 1.26 15.13
N ALA A 137 4.57 1.91 14.10
CA ALA A 137 3.77 2.73 13.23
C ALA A 137 4.35 2.60 11.85
N ASN A 138 3.52 2.71 10.81
CA ASN A 138 4.01 2.59 9.45
C ASN A 138 5.01 3.69 9.16
N ILE A 139 6.12 3.37 8.50
CA ILE A 139 7.07 4.38 8.06
C ILE A 139 7.44 4.21 6.60
N ALA A 140 7.48 5.32 5.88
CA ALA A 140 7.94 5.32 4.50
C ALA A 140 9.41 5.73 4.45
N ALA A 141 10.24 4.86 3.90
CA ALA A 141 11.65 5.15 3.77
C ALA A 141 11.87 5.89 2.46
N ILE A 142 12.16 7.19 2.54
CA ILE A 142 12.28 8.03 1.34
C ILE A 142 13.60 7.81 0.62
N THR A 143 13.53 7.14 -0.52
CA THR A 143 14.73 6.74 -1.24
C THR A 143 14.96 7.54 -2.52
N GLU A 144 13.96 8.34 -2.91
CA GLU A 144 14.06 9.22 -4.08
C GLU A 144 13.19 10.47 -3.89
N SER A 145 13.72 11.66 -4.21
CA SER A 145 12.92 12.86 -4.04
C SER A 145 13.29 13.98 -5.00
N ASP A 146 12.35 14.89 -5.23
CA ASP A 146 12.54 16.00 -6.16
C ASP A 146 11.89 17.26 -5.60
N LYS A 147 12.71 18.24 -5.23
CA LYS A 147 12.21 19.51 -4.68
C LYS A 147 11.41 19.35 -3.38
N PHE A 148 11.79 18.39 -2.55
CA PHE A 148 11.11 18.11 -1.28
C PHE A 148 11.94 18.66 -0.12
N PHE A 149 13.01 17.95 0.23
CA PHE A 149 13.94 18.42 1.24
C PHE A 149 14.40 19.83 0.94
N ILE A 150 14.71 20.58 1.98
CA ILE A 150 15.02 22.00 1.82
C ILE A 150 16.39 22.27 2.42
N ASN A 151 17.16 23.09 1.73
CA ASN A 151 18.55 23.25 2.09
C ASN A 151 18.78 24.20 3.25
N GLY A 152 19.16 23.66 4.40
CA GLY A 152 19.30 24.46 5.60
C GLY A 152 18.13 24.26 6.55
N SER A 153 17.09 23.60 6.07
CA SER A 153 15.86 23.36 6.81
C SER A 153 16.05 22.61 8.13
N ASN A 154 17.12 21.83 8.22
CA ASN A 154 17.40 21.06 9.42
C ASN A 154 16.35 19.99 9.75
N TRP A 155 15.37 19.79 8.87
CA TRP A 155 14.56 18.58 9.01
C TRP A 155 14.95 17.48 8.03
N GLU A 156 14.49 16.26 8.28
CA GLU A 156 14.92 15.09 7.51
C GLU A 156 13.78 14.13 7.26
N GLY A 157 12.56 14.58 7.54
CA GLY A 157 11.40 13.70 7.43
C GLY A 157 10.09 14.43 7.65
N ILE A 158 9.00 13.70 7.57
CA ILE A 158 7.70 14.37 7.56
C ILE A 158 6.64 13.59 8.32
N LEU A 159 5.93 14.30 9.17
CA LEU A 159 4.88 13.71 9.98
C LEU A 159 3.50 14.16 9.51
N GLY A 160 2.87 13.36 8.65
CA GLY A 160 1.56 13.69 8.16
C GLY A 160 0.52 13.41 9.22
N LEU A 161 -0.16 14.46 9.68
CA LEU A 161 -1.08 14.35 10.81
C LEU A 161 -2.54 14.28 10.38
N ALA A 162 -2.78 14.26 9.08
CA ALA A 162 -4.15 14.18 8.59
C ALA A 162 -4.74 12.80 8.79
N TYR A 163 -5.88 12.55 8.16
CA TYR A 163 -6.63 11.35 8.42
C TYR A 163 -6.26 10.30 7.38
N ALA A 164 -6.65 9.06 7.60
CA ALA A 164 -6.27 7.97 6.70
C ALA A 164 -6.85 8.09 5.29
N GLU A 165 -7.97 8.78 5.14
CA GLU A 165 -8.63 8.85 3.81
C GLU A 165 -7.67 9.30 2.71
N ILE A 166 -6.66 10.08 3.07
CA ILE A 166 -5.75 10.58 2.05
C ILE A 166 -4.34 10.02 2.13
N ALA A 167 -4.13 9.06 3.02
CA ALA A 167 -2.86 8.36 3.12
C ALA A 167 -2.51 7.72 1.79
N ARG A 168 -1.22 7.59 1.54
CA ARG A 168 -0.79 6.96 0.30
C ARG A 168 -0.10 5.67 0.67
N PRO A 169 -0.36 4.58 -0.08
CA PRO A 169 -1.15 4.49 -1.33
C PRO A 169 -2.65 4.24 -1.17
N ASP A 170 -3.16 4.21 0.05
CA ASP A 170 -4.61 4.16 0.25
C ASP A 170 -4.86 4.22 1.74
N ASP A 171 -6.11 4.00 2.17
CA ASP A 171 -6.45 4.20 3.58
C ASP A 171 -6.15 3.00 4.50
N SER A 172 -5.36 2.05 3.99
CA SER A 172 -4.97 0.90 4.77
C SER A 172 -3.65 1.18 5.44
N LEU A 173 -3.25 2.44 5.41
CA LEU A 173 -1.98 2.82 6.02
C LEU A 173 -2.19 3.75 7.22
N GLU A 174 -2.59 3.14 8.34
CA GLU A 174 -2.86 3.90 9.56
C GLU A 174 -1.77 4.96 9.70
N PRO A 175 -2.19 6.22 9.63
CA PRO A 175 -1.31 7.39 9.79
C PRO A 175 -0.72 7.32 11.17
N PHE A 176 0.41 7.97 11.36
CA PHE A 176 1.14 7.80 12.60
C PHE A 176 0.28 8.05 13.80
N PHE A 177 -0.42 9.18 13.79
CA PHE A 177 -1.19 9.57 14.95
C PHE A 177 -2.27 8.56 15.28
N ASP A 178 -3.04 8.15 14.27
CA ASP A 178 -4.07 7.14 14.47
C ASP A 178 -3.51 5.92 15.24
N SER A 179 -2.26 5.56 14.98
CA SER A 179 -1.63 4.46 15.70
C SER A 179 -1.27 4.90 17.11
N LEU A 180 -0.53 6.00 17.22
CA LEU A 180 -0.20 6.55 18.54
C LEU A 180 -1.39 6.56 19.51
N VAL A 181 -2.57 6.92 19.06
CA VAL A 181 -3.73 6.88 19.93
C VAL A 181 -4.19 5.46 20.17
N LYS A 182 -4.26 4.66 19.12
CA LYS A 182 -4.75 3.30 19.27
C LYS A 182 -3.83 2.49 20.19
N GLN A 183 -2.53 2.72 20.09
CA GLN A 183 -1.58 1.88 20.82
C GLN A 183 -1.27 2.40 22.23
N THR A 184 -1.65 3.63 22.52
CA THR A 184 -1.36 4.18 23.83
C THR A 184 -2.57 4.83 24.48
N HIS A 185 -2.33 5.63 25.51
CA HIS A 185 -3.41 6.25 26.26
C HIS A 185 -3.66 7.70 25.90
N VAL A 186 -2.81 8.25 25.04
CA VAL A 186 -2.97 9.61 24.58
C VAL A 186 -4.35 9.79 24.00
N PRO A 187 -5.03 10.89 24.36
CA PRO A 187 -6.36 11.17 23.83
C PRO A 187 -6.30 11.73 22.40
N ASN A 188 -7.38 11.57 21.64
CA ASN A 188 -7.40 11.87 20.20
C ASN A 188 -7.46 13.37 19.92
N LEU A 189 -6.33 14.03 20.02
CA LEU A 189 -6.32 15.48 20.02
C LEU A 189 -4.89 15.95 20.12
N PHE A 190 -4.55 16.98 19.37
CA PHE A 190 -3.26 17.63 19.52
C PHE A 190 -3.46 19.09 19.18
N SER A 191 -2.53 19.94 19.62
CA SER A 191 -2.64 21.34 19.29
C SER A 191 -1.28 21.92 18.93
N LEU A 192 -1.30 22.93 18.08
CA LEU A 192 -0.10 23.47 17.48
C LEU A 192 0.01 24.96 17.67
N GLN A 193 1.18 25.39 18.13
CA GLN A 193 1.45 26.81 18.27
C GLN A 193 2.73 27.07 17.51
N LEU A 194 2.61 27.46 16.25
CA LEU A 194 3.78 27.80 15.44
C LEU A 194 4.14 29.24 15.70
N CYS A 195 5.40 29.51 16.00
CA CYS A 195 5.82 30.86 16.37
C CYS A 195 6.72 31.50 15.33
N GLY A 196 6.28 32.61 14.76
CA GLY A 196 7.03 33.26 13.71
C GLY A 196 8.15 34.15 14.23
N ALA A 197 9.01 34.59 13.31
CA ALA A 197 10.14 35.46 13.66
C ALA A 197 9.92 36.93 13.26
N GLY A 198 10.74 37.82 13.83
CA GLY A 198 10.69 39.24 13.54
C GLY A 198 12.03 39.81 13.11
N PHE A 199 12.40 40.94 13.71
CA PHE A 199 13.63 41.65 13.35
C PHE A 199 14.16 42.45 14.56
N VAL A 210 13.57 30.61 15.09
CA VAL A 210 12.14 30.31 15.10
C VAL A 210 11.79 29.12 16.01
N GLY A 211 10.58 29.12 16.58
CA GLY A 211 10.15 28.10 17.53
C GLY A 211 8.66 27.77 17.54
N GLY A 212 8.23 26.94 18.48
CA GLY A 212 6.84 26.52 18.55
C GLY A 212 6.60 25.38 19.53
N SER A 213 5.36 24.92 19.63
CA SER A 213 5.05 23.82 20.53
C SER A 213 3.97 22.96 19.93
N MET A 214 4.21 21.67 19.87
CA MET A 214 3.17 20.73 19.46
C MET A 214 2.74 19.91 20.65
N ILE A 215 1.53 20.17 21.13
CA ILE A 215 1.06 19.51 22.34
C ILE A 215 0.27 18.26 21.99
N ILE A 216 0.91 17.11 22.17
CA ILE A 216 0.29 15.83 21.87
C ILE A 216 -0.70 15.40 22.94
N GLY A 217 -1.97 15.30 22.56
CA GLY A 217 -2.99 14.73 23.41
C GLY A 217 -3.76 15.73 24.27
N GLY A 218 -3.40 17.00 24.21
CA GLY A 218 -4.03 17.97 25.09
C GLY A 218 -4.00 19.42 24.65
N ILE A 219 -4.42 20.29 25.56
CA ILE A 219 -4.41 21.73 25.32
C ILE A 219 -3.61 22.39 26.41
N ASP A 220 -2.57 23.13 26.05
CA ASP A 220 -1.84 23.89 27.05
C ASP A 220 -2.37 25.32 27.10
N HIS A 221 -3.09 25.62 28.17
CA HIS A 221 -3.73 26.92 28.32
C HIS A 221 -2.76 28.08 28.50
N SER A 222 -1.46 27.81 28.50
CA SER A 222 -0.51 28.89 28.76
C SER A 222 -0.03 29.49 27.46
N LEU A 223 -0.48 28.89 26.35
CA LEU A 223 0.02 29.23 25.03
C LEU A 223 -0.91 30.17 24.25
N TYR A 224 -2.11 30.40 24.76
CA TYR A 224 -3.03 31.32 24.09
C TYR A 224 -3.76 32.23 25.06
N THR A 225 -4.26 33.34 24.53
CA THR A 225 -4.98 34.33 25.32
C THR A 225 -6.45 34.40 24.87
N GLY A 226 -7.36 34.58 25.81
CA GLY A 226 -8.76 34.66 25.43
C GLY A 226 -9.40 33.32 25.14
N SER A 227 -10.55 33.32 24.49
CA SER A 227 -11.31 32.08 24.28
C SER A 227 -10.83 31.26 23.08
N LEU A 228 -11.17 29.97 23.11
CA LEU A 228 -11.05 29.11 21.94
C LEU A 228 -12.37 29.13 21.18
N TRP A 229 -12.30 29.04 19.87
CA TRP A 229 -13.48 29.01 19.06
C TRP A 229 -13.34 27.85 18.11
N TYR A 230 -14.42 27.12 17.88
CA TYR A 230 -14.33 25.87 17.14
C TYR A 230 -15.13 25.88 15.86
N THR A 231 -14.52 25.41 14.77
CA THR A 231 -15.25 25.15 13.54
C THR A 231 -15.25 23.65 13.32
N PRO A 232 -16.40 23.11 12.92
CA PRO A 232 -16.52 21.69 12.63
C PRO A 232 -15.59 21.31 11.49
N ILE A 233 -14.91 20.18 11.63
CA ILE A 233 -14.19 19.56 10.53
C ILE A 233 -15.24 18.98 9.58
N ARG A 234 -15.22 19.40 8.33
CA ARG A 234 -16.32 19.07 7.43
C ARG A 234 -16.33 17.59 7.10
N ARG A 235 -15.13 17.03 6.91
CA ARG A 235 -14.97 15.62 6.57
C ARG A 235 -13.58 15.24 7.04
N GLU A 236 -13.42 14.02 7.55
CA GLU A 236 -12.12 13.57 8.01
C GLU A 236 -11.31 13.02 6.85
N TRP A 237 -10.61 13.91 6.15
CA TRP A 237 -9.59 13.54 5.17
C TRP A 237 -8.44 14.52 5.34
N TYR A 238 -8.46 15.65 4.64
CA TYR A 238 -7.67 16.77 5.11
C TYR A 238 -8.39 17.28 6.34
N TYR A 239 -7.79 18.22 7.05
CA TYR A 239 -8.54 18.95 8.04
C TYR A 239 -9.33 20.07 7.33
N GLU A 240 -10.41 19.70 6.65
CA GLU A 240 -11.23 20.64 5.89
C GLU A 240 -12.19 21.45 6.76
N VAL A 241 -12.18 22.76 6.57
CA VAL A 241 -13.08 23.68 7.26
C VAL A 241 -13.86 24.44 6.22
N ILE A 242 -14.86 25.21 6.66
CA ILE A 242 -15.66 26.00 5.73
C ILE A 242 -15.64 27.48 6.08
N ILE A 243 -15.09 28.29 5.18
CA ILE A 243 -15.04 29.73 5.36
C ILE A 243 -16.32 30.36 4.82
N VAL A 244 -16.95 31.23 5.61
CA VAL A 244 -18.25 31.77 5.25
C VAL A 244 -18.24 33.26 4.88
N ARG A 245 -17.07 33.89 4.99
CA ARG A 245 -16.98 35.32 4.68
C ARG A 245 -15.53 35.77 4.79
N VAL A 246 -15.08 36.62 3.87
CA VAL A 246 -13.71 37.12 3.94
C VAL A 246 -13.72 38.62 3.95
N GLU A 247 -12.90 39.22 4.81
CA GLU A 247 -12.80 40.68 4.91
C GLU A 247 -11.35 41.14 4.82
N ILE A 248 -11.10 42.28 4.19
CA ILE A 248 -9.77 42.91 4.18
C ILE A 248 -9.93 44.28 4.82
N ASN A 249 -9.13 44.57 5.86
CA ASN A 249 -9.40 45.72 6.71
C ASN A 249 -10.90 45.91 6.87
N GLY A 250 -11.60 44.82 7.15
CA GLY A 250 -13.00 44.92 7.46
C GLY A 250 -13.96 45.03 6.29
N GLN A 251 -13.45 45.09 5.07
CA GLN A 251 -14.28 45.21 3.87
C GLN A 251 -14.62 43.87 3.24
N ASP A 252 -15.89 43.49 3.27
CA ASP A 252 -16.35 42.23 2.69
C ASP A 252 -15.79 41.98 1.29
N LEU A 253 -15.28 40.78 1.04
CA LEU A 253 -14.79 40.46 -0.30
C LEU A 253 -15.98 40.28 -1.25
N LYS A 254 -17.16 40.09 -0.66
CA LYS A 254 -18.42 40.07 -1.41
C LYS A 254 -18.34 39.11 -2.58
N MET A 255 -17.98 37.86 -2.31
CA MET A 255 -18.04 36.81 -3.33
C MET A 255 -18.99 35.73 -2.88
N ASP A 256 -19.44 34.89 -3.80
CA ASP A 256 -20.24 33.75 -3.43
C ASP A 256 -19.50 32.91 -2.39
N CYS A 257 -20.18 32.63 -1.29
CA CYS A 257 -19.66 31.77 -0.23
C CYS A 257 -18.88 30.52 -0.76
N LYS A 258 -19.41 29.84 -1.78
CA LYS A 258 -18.72 28.69 -2.38
C LYS A 258 -17.34 29.04 -2.86
N GLU A 259 -17.20 30.18 -3.53
CA GLU A 259 -15.91 30.52 -4.14
C GLU A 259 -14.74 30.48 -3.15
N TYR A 260 -15.02 30.68 -1.87
CA TYR A 260 -13.99 30.70 -0.84
C TYR A 260 -13.50 29.30 -0.51
N ASN A 261 -14.42 28.34 -0.53
CA ASN A 261 -14.09 26.95 -0.28
C ASN A 261 -14.05 26.19 -1.58
N TYR A 262 -13.62 26.86 -2.65
CA TYR A 262 -13.67 26.24 -3.96
C TYR A 262 -12.68 25.11 -4.09
N ASP A 263 -13.26 23.91 -4.05
CA ASP A 263 -12.59 22.63 -3.92
C ASP A 263 -12.64 22.24 -2.44
N LYS A 264 -11.86 22.96 -1.64
CA LYS A 264 -11.81 22.68 -0.23
C LYS A 264 -11.01 23.80 0.40
N SER A 265 -11.19 24.00 1.70
CA SER A 265 -10.27 24.85 2.44
C SER A 265 -9.75 24.02 3.59
N ILE A 266 -8.44 23.93 3.72
CA ILE A 266 -7.84 23.05 4.72
C ILE A 266 -6.89 23.81 5.61
N VAL A 267 -6.73 23.34 6.84
CA VAL A 267 -5.67 23.83 7.74
C VAL A 267 -4.44 22.93 7.58
N ASP A 268 -3.27 23.54 7.38
CA ASP A 268 -2.11 22.78 6.94
C ASP A 268 -0.79 23.40 7.33
N SER A 269 -0.22 22.91 8.43
CA SER A 269 1.03 23.41 8.98
C SER A 269 2.26 23.22 8.07
N GLY A 270 2.11 22.42 7.02
CA GLY A 270 3.23 22.11 6.16
C GLY A 270 3.45 23.15 5.09
N THR A 271 2.38 23.86 4.74
CA THR A 271 2.38 24.89 3.71
C THR A 271 2.79 26.20 4.33
N THR A 272 3.63 26.99 3.67
CA THR A 272 4.01 28.30 4.20
C THR A 272 2.92 29.36 4.06
N ASN A 273 2.50 29.61 2.82
CA ASN A 273 1.60 30.73 2.53
C ASN A 273 0.14 30.49 2.92
N LEU A 274 -0.65 31.57 3.00
CA LEU A 274 -2.09 31.47 2.89
C LEU A 274 -2.39 31.35 1.39
N ARG A 275 -3.03 30.26 0.99
CA ARG A 275 -3.21 30.01 -0.42
C ARG A 275 -4.69 30.11 -0.74
N LEU A 276 -5.03 30.92 -1.74
CA LEU A 276 -6.42 31.14 -2.10
C LEU A 276 -6.69 30.65 -3.53
N PRO A 277 -7.93 30.21 -3.78
CA PRO A 277 -8.33 29.84 -5.14
C PRO A 277 -8.22 31.08 -6.04
N LYS A 278 -7.98 30.92 -7.36
CA LYS A 278 -7.73 32.09 -8.24
C LYS A 278 -8.74 33.27 -8.15
N LYS A 279 -10.03 33.04 -8.41
CA LYS A 279 -10.95 34.17 -8.30
C LYS A 279 -10.76 34.88 -6.95
N VAL A 280 -10.56 34.11 -5.89
CA VAL A 280 -10.48 34.69 -4.55
C VAL A 280 -9.15 35.37 -4.33
N PHE A 281 -8.11 34.87 -4.98
CA PHE A 281 -6.79 35.45 -4.80
C PHE A 281 -6.78 36.79 -5.50
N GLU A 282 -7.07 36.76 -6.79
CA GLU A 282 -7.01 37.96 -7.61
C GLU A 282 -7.85 39.07 -6.93
N ALA A 283 -8.94 38.67 -6.28
CA ALA A 283 -9.79 39.64 -5.58
C ALA A 283 -9.12 40.21 -4.35
N ALA A 284 -8.43 39.36 -3.59
CA ALA A 284 -7.77 39.79 -2.37
C ALA A 284 -6.56 40.66 -2.69
N VAL A 285 -5.88 40.36 -3.79
CA VAL A 285 -4.73 41.16 -4.15
C VAL A 285 -5.15 42.58 -4.53
N LYS A 286 -6.34 42.71 -5.12
CA LYS A 286 -6.81 44.03 -5.55
C LYS A 286 -7.12 44.85 -4.31
N SER A 287 -7.88 44.25 -3.39
CA SER A 287 -8.26 44.92 -2.16
C SER A 287 -7.04 45.25 -1.28
N ILE A 288 -6.05 44.37 -1.24
CA ILE A 288 -4.87 44.65 -0.41
C ILE A 288 -4.04 45.73 -1.07
N LYS A 289 -3.95 45.67 -2.39
CA LYS A 289 -3.27 46.70 -3.16
C LYS A 289 -3.96 48.04 -2.92
N ALA A 290 -5.28 48.04 -3.01
CA ALA A 290 -6.11 49.21 -2.75
C ALA A 290 -5.74 49.92 -1.47
N ALA A 291 -5.85 49.19 -0.35
CA ALA A 291 -5.65 49.72 0.99
C ALA A 291 -4.23 50.19 1.24
N SER A 292 -3.28 49.32 0.91
CA SER A 292 -1.88 49.64 1.13
C SER A 292 -1.33 50.61 0.09
N SER A 293 -2.20 51.13 -0.78
CA SER A 293 -1.75 51.93 -1.92
C SER A 293 -0.94 53.16 -1.49
N THR A 294 -0.84 53.40 -0.20
CA THR A 294 0.03 54.44 0.34
C THR A 294 1.46 54.32 -0.18
N GLU A 295 1.80 53.13 -0.66
CA GLU A 295 3.04 52.90 -1.39
C GLU A 295 2.72 52.17 -2.71
N LYS A 296 3.36 52.56 -3.81
CA LYS A 296 3.21 51.84 -5.09
C LYS A 296 4.07 50.58 -5.05
N PHE A 297 3.82 49.62 -5.95
CA PHE A 297 4.45 48.31 -5.82
C PHE A 297 4.64 47.57 -7.14
N PRO A 298 5.80 46.91 -7.32
CA PRO A 298 6.07 46.09 -8.51
C PRO A 298 4.99 45.03 -8.69
N ASP A 299 4.54 44.81 -9.91
CA ASP A 299 3.57 43.76 -10.17
C ASP A 299 4.11 42.42 -9.67
N GLY A 300 5.44 42.31 -9.60
CA GLY A 300 6.11 41.07 -9.21
C GLY A 300 6.20 40.84 -7.71
N PHE A 301 5.86 41.84 -6.92
CA PHE A 301 5.85 41.68 -5.47
C PHE A 301 4.67 40.84 -5.01
N TRP A 302 3.53 41.03 -5.65
CA TRP A 302 2.33 40.32 -5.29
C TRP A 302 2.35 38.88 -5.78
N LEU A 303 3.38 38.55 -6.53
CA LEU A 303 3.58 37.18 -6.99
C LEU A 303 4.70 36.57 -6.17
N GLY A 304 5.18 37.33 -5.20
CA GLY A 304 6.22 36.84 -4.31
C GLY A 304 7.48 36.52 -5.08
N GLU A 305 7.70 37.27 -6.16
CA GLU A 305 8.92 37.14 -6.95
C GLU A 305 9.92 38.21 -6.51
N GLN A 306 9.41 39.36 -6.11
CA GLN A 306 10.28 40.39 -5.55
C GLN A 306 9.97 40.72 -4.09
N LEU A 307 11.03 41.10 -3.37
CA LEU A 307 10.93 41.43 -1.95
C LEU A 307 10.82 42.94 -1.72
N VAL A 308 10.18 43.34 -0.62
CA VAL A 308 10.09 44.76 -0.26
C VAL A 308 11.05 45.10 0.86
N CYS A 309 11.75 46.23 0.73
CA CYS A 309 12.76 46.60 1.71
C CYS A 309 12.61 48.00 2.33
N TRP A 310 12.83 48.10 3.65
CA TRP A 310 12.85 49.39 4.36
C TRP A 310 14.02 49.47 5.31
N GLN A 311 14.49 50.68 5.57
CA GLN A 311 15.52 50.87 6.58
C GLN A 311 15.03 50.18 7.85
N ALA A 312 15.89 49.36 8.44
CA ALA A 312 15.53 48.53 9.59
C ALA A 312 14.53 49.15 10.55
N GLY A 313 13.43 48.42 10.80
CA GLY A 313 12.45 48.84 11.79
C GLY A 313 11.38 49.77 11.25
N THR A 314 11.74 50.54 10.23
CA THR A 314 10.85 51.55 9.67
C THR A 314 9.73 50.96 8.80
N THR A 315 9.60 49.64 8.85
CA THR A 315 8.51 48.93 8.16
C THR A 315 7.18 49.54 8.60
N PRO A 316 6.42 50.15 7.66
CA PRO A 316 5.12 50.75 7.96
C PRO A 316 4.03 49.69 7.99
N TRP A 317 3.97 48.93 9.09
CA TRP A 317 2.98 47.88 9.22
C TRP A 317 1.61 48.46 9.07
N ASN A 318 1.40 49.60 9.72
CA ASN A 318 0.06 50.19 9.81
C ASN A 318 -0.63 50.41 8.48
N ILE A 319 0.11 50.38 7.38
CA ILE A 319 -0.49 50.69 6.08
C ILE A 319 -1.05 49.46 5.39
N PHE A 320 -0.65 48.28 5.84
CA PHE A 320 -1.20 47.05 5.26
C PHE A 320 -2.45 46.63 6.00
N PRO A 321 -3.42 46.10 5.27
CA PRO A 321 -4.69 45.79 5.93
C PRO A 321 -4.57 44.51 6.74
N VAL A 322 -5.39 44.37 7.79
CA VAL A 322 -5.54 43.08 8.41
C VAL A 322 -6.39 42.22 7.49
N ILE A 323 -6.33 40.90 7.65
CA ILE A 323 -7.16 39.99 6.88
C ILE A 323 -8.01 39.14 7.82
N SER A 324 -9.27 38.92 7.48
CA SER A 324 -10.17 38.17 8.35
C SER A 324 -10.83 37.00 7.66
N LEU A 325 -10.79 35.83 8.27
CA LEU A 325 -11.61 34.73 7.80
C LEU A 325 -12.73 34.44 8.79
N TYR A 326 -13.96 34.35 8.31
CA TYR A 326 -15.05 33.94 9.17
C TYR A 326 -15.24 32.44 8.95
N LEU A 327 -15.36 31.68 10.04
CA LEU A 327 -15.50 30.24 9.91
C LEU A 327 -16.85 29.80 10.41
N MET A 328 -17.39 28.76 9.79
CA MET A 328 -18.64 28.17 10.26
C MET A 328 -18.44 27.70 11.69
N GLY A 329 -19.25 28.23 12.59
CA GLY A 329 -19.11 27.93 13.99
C GLY A 329 -19.84 26.66 14.39
N GLU A 330 -19.64 26.22 15.62
CA GLU A 330 -20.27 25.01 16.11
C GLU A 330 -21.79 25.12 16.21
N VAL A 331 -22.29 26.32 16.56
CA VAL A 331 -23.72 26.53 16.81
C VAL A 331 -24.52 26.95 15.59
N THR A 332 -25.70 26.34 15.41
CA THR A 332 -26.50 26.58 14.20
C THR A 332 -26.67 28.06 13.85
N ASN A 333 -26.45 28.40 12.58
CA ASN A 333 -26.53 29.78 12.10
C ASN A 333 -25.64 30.74 12.91
N GLN A 334 -24.36 30.40 13.03
CA GLN A 334 -23.45 31.16 13.88
C GLN A 334 -22.06 31.03 13.29
N SER A 335 -21.14 31.92 13.65
CA SER A 335 -19.81 31.92 13.04
C SER A 335 -18.86 32.86 13.77
N PHE A 336 -17.57 32.54 13.79
CA PHE A 336 -16.59 33.43 14.38
C PHE A 336 -15.58 33.83 13.34
N ARG A 337 -14.81 34.88 13.62
CA ARG A 337 -13.78 35.28 12.67
C ARG A 337 -12.39 35.19 13.27
N ILE A 338 -11.38 35.08 12.41
CA ILE A 338 -9.99 35.14 12.81
C ILE A 338 -9.25 36.18 11.97
N THR A 339 -8.33 36.91 12.57
CA THR A 339 -7.76 38.03 11.85
C THR A 339 -6.26 38.07 12.00
N ILE A 340 -5.55 37.97 10.87
CA ILE A 340 -4.10 38.08 10.90
C ILE A 340 -3.68 39.50 10.53
N LEU A 341 -2.39 39.81 10.73
CA LEU A 341 -1.85 41.13 10.50
C LEU A 341 -0.89 41.09 9.32
N PRO A 342 -0.40 42.26 8.87
CA PRO A 342 0.65 42.23 7.87
C PRO A 342 1.80 41.37 8.37
N GLN A 343 1.98 41.29 9.69
CA GLN A 343 3.10 40.52 10.19
C GLN A 343 2.90 39.03 10.08
N GLN A 344 1.73 38.58 9.64
CA GLN A 344 1.58 37.18 9.35
C GLN A 344 1.69 36.88 7.86
N TYR A 345 1.26 37.80 7.00
CA TYR A 345 1.37 37.54 5.57
C TYR A 345 2.55 38.18 4.88
N LEU A 346 3.37 38.94 5.60
CA LEU A 346 4.63 39.40 5.03
C LEU A 346 5.83 38.69 5.66
N ARG A 347 6.01 37.40 5.36
CA ARG A 347 7.10 36.62 5.92
CA ARG A 347 7.10 36.65 5.95
C ARG A 347 8.46 37.30 5.75
N PRO A 348 9.25 37.42 6.85
CA PRO A 348 10.56 38.06 6.78
C PRO A 348 11.60 37.15 6.14
N VAL A 349 12.50 37.75 5.37
CA VAL A 349 13.51 37.01 4.62
C VAL A 349 14.94 37.54 4.90
N GLU A 350 15.78 36.72 5.51
CA GLU A 350 17.14 37.14 5.85
C GLU A 350 18.01 37.31 4.60
N ALA A 353 18.52 39.79 1.01
CA ALA A 353 19.57 40.80 0.99
C ALA A 353 19.99 41.18 2.40
N THR A 354 21.21 41.68 2.52
CA THR A 354 21.76 42.08 3.83
C THR A 354 21.70 43.60 4.01
N SER A 355 22.49 44.08 4.97
CA SER A 355 22.63 45.52 5.25
C SER A 355 21.83 45.92 6.49
N GLN A 356 21.49 47.20 6.56
CA GLN A 356 20.64 47.71 7.63
C GLN A 356 19.21 47.87 7.13
N ASP A 357 18.74 46.89 6.36
CA ASP A 357 17.38 46.91 5.81
C ASP A 357 16.65 45.59 6.02
N ASP A 358 15.39 45.70 6.43
CA ASP A 358 14.54 44.52 6.56
C ASP A 358 13.77 44.27 5.26
N CYS A 359 13.76 43.00 4.85
CA CYS A 359 13.10 42.61 3.62
C CYS A 359 12.01 41.58 3.87
N TYR A 360 10.88 41.71 3.18
CA TYR A 360 9.75 40.77 3.33
C TYR A 360 9.22 40.23 2.01
N LYS A 361 8.82 38.96 2.02
CA LYS A 361 8.14 38.34 0.89
C LYS A 361 6.64 38.23 1.14
N PHE A 362 5.84 38.58 0.14
CA PHE A 362 4.39 38.49 0.25
C PHE A 362 4.01 37.00 0.27
N ALA A 363 3.32 36.57 1.31
CA ALA A 363 3.06 35.15 1.52
C ALA A 363 1.62 34.74 1.26
N ILE A 364 0.93 35.46 0.39
CA ILE A 364 -0.39 35.09 -0.06
C ILE A 364 -0.29 34.76 -1.55
N SER A 365 -0.65 33.56 -1.93
CA SER A 365 -0.43 33.15 -3.31
C SER A 365 -1.64 32.40 -3.82
N GLN A 366 -1.65 32.08 -5.10
CA GLN A 366 -2.84 31.44 -5.61
C GLN A 366 -2.75 29.91 -5.63
N SER A 367 -3.90 29.29 -5.78
CA SER A 367 -4.01 27.85 -5.62
C SER A 367 -5.10 27.30 -6.50
N SER A 368 -4.77 26.17 -7.13
CA SER A 368 -5.69 25.44 -8.00
C SER A 368 -6.52 24.43 -7.24
N THR A 369 -6.17 24.21 -5.97
CA THR A 369 -6.71 23.09 -5.20
C THR A 369 -7.50 23.46 -3.94
N GLY A 370 -7.66 24.75 -3.69
CA GLY A 370 -8.48 25.19 -2.58
C GLY A 370 -7.77 26.22 -1.71
N THR A 371 -8.46 26.70 -0.68
CA THR A 371 -7.80 27.57 0.27
C THR A 371 -6.86 26.69 1.08
N VAL A 372 -5.71 27.24 1.44
CA VAL A 372 -4.79 26.53 2.31
C VAL A 372 -4.31 27.49 3.37
N MET A 373 -4.79 27.28 4.60
CA MET A 373 -4.42 28.10 5.71
C MET A 373 -3.12 27.54 6.32
N GLY A 374 -2.01 27.84 5.66
CA GLY A 374 -0.71 27.37 6.13
C GLY A 374 -0.14 28.24 7.22
N ALA A 375 1.19 28.24 7.33
CA ALA A 375 1.86 28.93 8.42
C ALA A 375 1.45 30.40 8.58
N VAL A 376 1.19 31.09 7.47
CA VAL A 376 0.78 32.50 7.53
C VAL A 376 -0.41 32.72 8.46
N ILE A 377 -1.37 31.81 8.40
CA ILE A 377 -2.51 31.88 9.30
C ILE A 377 -2.16 31.31 10.66
N MET A 378 -1.73 30.06 10.70
CA MET A 378 -1.40 29.43 11.97
C MET A 378 -0.39 30.18 12.85
N GLU A 379 0.53 30.92 12.25
CA GLU A 379 1.51 31.65 13.03
C GLU A 379 0.88 32.69 13.93
N GLY A 380 -0.44 32.85 13.84
CA GLY A 380 -1.12 33.88 14.59
C GLY A 380 -2.04 33.27 15.63
N PHE A 381 -2.25 31.97 15.56
CA PHE A 381 -3.16 31.33 16.50
C PHE A 381 -2.61 30.09 17.18
N TYR A 382 -3.27 29.72 18.26
CA TYR A 382 -3.08 28.43 18.86
C TYR A 382 -4.13 27.58 18.19
N VAL A 383 -3.72 26.57 17.45
CA VAL A 383 -4.72 25.77 16.77
C VAL A 383 -4.87 24.42 17.42
N VAL A 384 -6.10 24.04 17.71
CA VAL A 384 -6.35 22.79 18.40
C VAL A 384 -7.06 21.81 17.49
N PHE A 385 -6.35 20.78 17.05
CA PHE A 385 -6.98 19.76 16.21
C PHE A 385 -7.71 18.75 17.06
N ASP A 386 -9.01 18.99 17.30
CA ASP A 386 -9.82 18.18 18.20
C ASP A 386 -10.46 17.01 17.44
N ARG A 387 -9.62 16.07 17.01
CA ARG A 387 -10.05 14.92 16.22
C ARG A 387 -11.21 14.18 16.88
N ALA A 388 -11.14 14.05 18.20
CA ALA A 388 -12.16 13.38 18.99
C ALA A 388 -13.57 13.94 18.76
N ARG A 389 -13.70 15.25 18.93
CA ARG A 389 -14.97 15.93 18.77
C ARG A 389 -15.13 16.55 17.37
N LYS A 390 -14.41 15.98 16.41
CA LYS A 390 -14.55 16.33 14.99
C LYS A 390 -14.63 17.84 14.76
N ARG A 391 -13.68 18.58 15.31
CA ARG A 391 -13.68 20.03 15.21
C ARG A 391 -12.29 20.62 15.41
N ILE A 392 -12.16 21.89 15.05
CA ILE A 392 -10.89 22.60 15.14
C ILE A 392 -11.09 23.94 15.83
N GLY A 393 -10.21 24.26 16.77
CA GLY A 393 -10.34 25.48 17.52
C GLY A 393 -9.19 26.44 17.27
N PHE A 394 -9.50 27.73 17.20
CA PHE A 394 -8.48 28.77 17.13
C PHE A 394 -8.59 29.65 18.34
N ALA A 395 -7.45 30.12 18.83
CA ALA A 395 -7.40 31.10 19.91
C ALA A 395 -6.20 31.97 19.60
N VAL A 396 -6.22 33.22 20.02
CA VAL A 396 -5.08 34.07 19.72
C VAL A 396 -3.81 33.51 20.33
N SER A 397 -2.84 33.14 19.49
CA SER A 397 -1.60 32.55 20.00
C SER A 397 -0.86 33.56 20.83
N ALA A 398 -0.41 33.13 22.00
CA ALA A 398 0.23 34.04 22.94
C ALA A 398 1.61 34.48 22.46
N CYS A 399 1.99 34.07 21.26
CA CYS A 399 3.33 34.40 20.78
C CYS A 399 3.33 34.88 19.33
N HIS A 400 2.18 35.32 18.85
CA HIS A 400 2.07 35.82 17.48
C HIS A 400 2.70 37.21 17.37
N VAL A 401 3.52 37.41 16.35
CA VAL A 401 4.15 38.70 16.18
C VAL A 401 3.05 39.72 15.93
N HIS A 402 3.16 40.87 16.58
CA HIS A 402 2.22 41.98 16.35
C HIS A 402 2.90 43.29 16.69
N ASP A 403 2.16 44.38 16.60
CA ASP A 403 2.70 45.67 17.03
C ASP A 403 1.93 46.27 18.21
N GLU A 404 2.34 47.47 18.59
CA GLU A 404 1.72 48.14 19.72
C GLU A 404 0.22 48.37 19.49
N PHE A 405 -0.15 48.68 18.24
CA PHE A 405 -1.50 49.13 17.96
C PHE A 405 -2.43 48.08 17.34
N ARG A 406 -1.87 46.98 16.86
CA ARG A 406 -2.73 45.90 16.38
C ARG A 406 -2.27 44.56 16.89
N THR A 407 -3.22 43.63 16.98
CA THR A 407 -2.90 42.26 17.34
C THR A 407 -3.85 41.31 16.62
N ALA A 408 -3.46 40.05 16.47
CA ALA A 408 -4.32 39.07 15.83
C ALA A 408 -5.54 38.84 16.70
N ALA A 409 -6.62 38.33 16.12
CA ALA A 409 -7.84 38.18 16.90
C ALA A 409 -8.69 36.98 16.51
N VAL A 410 -9.28 36.35 17.51
CA VAL A 410 -10.40 35.46 17.29
C VAL A 410 -11.56 36.11 18.03
N GLU A 411 -12.72 36.14 17.38
CA GLU A 411 -13.87 36.93 17.86
C GLU A 411 -15.20 36.36 17.36
N GLY A 412 -16.20 36.36 18.22
CA GLY A 412 -17.50 35.82 17.89
C GLY A 412 -18.55 36.02 18.98
N PRO A 413 -19.80 35.64 18.69
CA PRO A 413 -20.27 35.03 17.45
C PRO A 413 -20.84 36.05 16.46
N PHE A 414 -21.13 35.62 15.25
CA PHE A 414 -21.70 36.47 14.21
C PHE A 414 -22.81 35.69 13.56
N VAL A 415 -23.97 36.33 13.43
CA VAL A 415 -25.12 35.66 12.87
C VAL A 415 -24.90 35.44 11.38
N THR A 416 -24.76 34.19 10.98
CA THR A 416 -24.60 33.92 9.56
C THR A 416 -25.58 32.82 9.20
N LEU A 417 -26.26 32.99 8.08
CA LEU A 417 -27.27 32.02 7.64
C LEU A 417 -26.76 31.20 6.46
N ASP A 418 -27.40 30.06 6.25
CA ASP A 418 -27.08 29.19 5.12
C ASP A 418 -25.59 28.90 5.04
N MET A 419 -24.95 28.63 6.17
CA MET A 419 -23.52 28.36 6.13
C MET A 419 -23.24 27.01 5.50
N GLU A 420 -24.08 26.03 5.78
CA GLU A 420 -23.96 24.74 5.11
C GLU A 420 -23.95 24.93 3.59
N ASP A 421 -24.51 26.04 3.13
CA ASP A 421 -24.60 26.36 1.70
C ASP A 421 -23.26 26.81 1.12
N CYS A 422 -22.22 26.84 1.94
CA CYS A 422 -20.94 27.40 1.54
C CYS A 422 -19.97 26.35 1.04
N GLY A 423 -20.14 25.14 1.56
CA GLY A 423 -19.30 24.04 1.15
C GLY A 423 -19.50 23.68 -0.31
N TYR A 424 -18.40 23.39 -0.99
CA TYR A 424 -18.43 22.99 -2.39
C TYR A 424 -18.67 21.50 -2.47
N ASN A 425 -18.96 21.00 -3.66
CA ASN A 425 -19.26 19.57 -3.83
C ASN A 425 -18.85 18.95 -5.16
N ILE A 426 -18.39 17.70 -5.10
CA ILE A 426 -17.97 16.86 -6.25
C ILE A 426 -16.58 17.17 -6.79
N SER B 38 16.11 9.79 -9.22
CA SER B 38 16.37 9.78 -10.66
C SER B 38 15.07 9.76 -11.49
N PHE B 39 14.18 8.81 -11.17
CA PHE B 39 12.98 8.58 -11.96
C PHE B 39 11.71 9.09 -11.31
N VAL B 40 11.83 9.74 -10.15
CA VAL B 40 10.64 10.25 -9.48
C VAL B 40 10.03 11.41 -10.25
N GLU B 41 10.87 12.19 -10.93
CA GLU B 41 10.39 13.36 -11.64
C GLU B 41 9.32 12.92 -12.66
N MET B 42 9.33 11.62 -12.96
CA MET B 42 8.55 11.02 -14.03
C MET B 42 7.39 10.12 -13.59
N VAL B 43 7.30 9.77 -12.32
CA VAL B 43 6.12 9.05 -11.86
C VAL B 43 4.90 9.97 -11.97
N ASP B 44 3.78 9.43 -12.42
CA ASP B 44 2.56 10.20 -12.72
C ASP B 44 2.71 11.28 -13.77
N ASN B 45 3.51 11.06 -14.81
CA ASN B 45 3.54 12.04 -15.88
C ASN B 45 2.44 11.81 -16.92
N LEU B 46 1.67 10.74 -16.76
CA LEU B 46 0.61 10.43 -17.72
C LEU B 46 -0.75 10.81 -17.19
N ARG B 47 -1.52 11.51 -18.01
CA ARG B 47 -2.91 11.86 -17.70
C ARG B 47 -3.85 11.04 -18.57
N GLY B 48 -5.08 10.91 -18.12
CA GLY B 48 -6.13 10.34 -18.93
C GLY B 48 -7.42 11.05 -18.58
N LYS B 49 -8.02 11.75 -19.55
CA LYS B 49 -9.40 12.20 -19.36
C LYS B 49 -10.28 10.95 -19.39
N SER B 50 -9.67 9.83 -18.98
CA SER B 50 -10.34 8.55 -18.75
C SER B 50 -10.98 7.96 -19.99
N GLY B 51 -10.36 6.91 -20.52
CA GLY B 51 -10.90 6.15 -21.64
C GLY B 51 -10.60 6.82 -22.96
N GLN B 52 -9.87 7.92 -22.91
CA GLN B 52 -9.56 8.62 -24.14
C GLN B 52 -8.08 8.51 -24.43
N GLY B 53 -7.40 7.62 -23.72
CA GLY B 53 -5.99 7.39 -23.92
C GLY B 53 -5.03 8.19 -23.05
N TYR B 54 -3.93 7.54 -22.68
CA TYR B 54 -2.89 8.14 -21.85
C TYR B 54 -2.01 9.06 -22.68
N TYR B 55 -1.82 10.29 -22.20
CA TYR B 55 -0.94 11.25 -22.86
C TYR B 55 0.08 11.85 -21.89
N VAL B 56 1.23 12.21 -22.43
CA VAL B 56 2.28 12.89 -21.69
C VAL B 56 2.32 14.34 -22.17
N GLU B 57 2.99 15.21 -21.44
CA GLU B 57 3.07 16.61 -21.81
C GLU B 57 4.44 16.95 -22.39
N MET B 58 4.47 17.61 -23.54
CA MET B 58 5.75 18.00 -24.14
C MET B 58 5.75 19.46 -24.57
N THR B 59 6.94 20.03 -24.73
CA THR B 59 7.08 21.36 -25.29
C THR B 59 7.83 21.29 -26.60
N VAL B 60 7.18 21.73 -27.69
CA VAL B 60 7.85 21.81 -28.98
C VAL B 60 8.12 23.25 -29.39
N GLY B 61 9.27 23.46 -30.02
CA GLY B 61 9.61 24.76 -30.56
C GLY B 61 10.23 25.75 -29.58
N SER B 62 10.64 26.89 -30.13
CA SER B 62 11.21 27.99 -29.36
C SER B 62 10.43 29.24 -29.75
N PRO B 63 9.69 29.82 -28.81
CA PRO B 63 9.58 29.45 -27.40
C PRO B 63 8.71 28.22 -27.28
N PRO B 64 8.89 27.46 -26.20
CA PRO B 64 8.20 26.18 -26.04
C PRO B 64 6.69 26.34 -26.09
N GLN B 65 6.06 25.68 -27.05
CA GLN B 65 4.60 25.53 -27.08
C GLN B 65 4.23 24.21 -26.40
N THR B 66 3.47 24.28 -25.32
CA THR B 66 3.09 23.08 -24.57
C THR B 66 1.96 22.34 -25.29
N LEU B 67 2.00 21.01 -25.25
CA LEU B 67 1.05 20.17 -25.98
C LEU B 67 0.91 18.81 -25.33
N ASN B 68 -0.31 18.33 -25.21
CA ASN B 68 -0.54 17.01 -24.63
C ASN B 68 -0.55 15.88 -25.66
N ILE B 69 0.47 15.03 -25.60
CA ILE B 69 0.74 14.03 -26.64
C ILE B 69 0.40 12.61 -26.23
N LEU B 70 -0.40 11.93 -27.03
CA LEU B 70 -0.79 10.54 -26.73
C LEU B 70 0.40 9.61 -26.83
N VAL B 71 0.51 8.71 -25.88
CA VAL B 71 1.61 7.74 -25.86
C VAL B 71 1.23 6.50 -26.66
N ASP B 72 1.93 6.25 -27.76
CA ASP B 72 1.54 5.18 -28.66
C ASP B 72 2.70 4.26 -29.06
N THR B 73 2.66 3.02 -28.59
CA THR B 73 3.70 2.07 -28.91
C THR B 73 3.36 1.23 -30.16
N GLY B 74 2.20 1.49 -30.74
CA GLY B 74 1.77 0.77 -31.92
C GLY B 74 2.01 1.50 -33.22
N SER B 75 2.82 2.56 -33.18
CA SER B 75 3.23 3.26 -34.40
C SER B 75 4.54 3.99 -34.10
N SER B 76 5.24 4.48 -35.11
CA SER B 76 6.51 5.13 -34.87
C SER B 76 6.60 6.50 -35.50
N ASN B 77 5.49 7.21 -35.46
CA ASN B 77 5.42 8.55 -36.03
C ASN B 77 4.95 9.54 -35.00
N PHE B 78 5.81 10.53 -34.72
CA PHE B 78 5.48 11.61 -33.82
C PHE B 78 4.82 12.71 -34.63
N ALA B 79 3.68 13.21 -34.14
CA ALA B 79 2.85 14.13 -34.91
C ALA B 79 1.94 14.95 -34.01
N VAL B 80 1.67 16.20 -34.40
CA VAL B 80 0.82 17.07 -33.59
C VAL B 80 -0.16 17.87 -34.45
N GLY B 81 -1.29 18.27 -33.87
CA GLY B 81 -2.21 19.15 -34.54
C GLY B 81 -1.48 20.43 -34.86
N ALA B 82 -1.65 20.92 -36.08
CA ALA B 82 -0.93 22.10 -36.54
C ALA B 82 -1.88 22.98 -37.31
N ALA B 83 -3.11 23.06 -36.80
CA ALA B 83 -4.16 23.86 -37.39
C ALA B 83 -5.44 23.50 -36.68
N PRO B 84 -6.37 24.47 -36.56
CA PRO B 84 -7.59 24.33 -35.75
C PRO B 84 -8.40 23.09 -36.09
N HIS B 85 -9.07 22.56 -35.08
CA HIS B 85 -9.95 21.41 -35.26
C HIS B 85 -11.02 21.52 -34.20
N PRO B 86 -12.26 21.11 -34.52
CA PRO B 86 -13.35 21.15 -33.55
C PRO B 86 -12.97 20.53 -32.19
N PHE B 87 -11.98 19.64 -32.18
CA PHE B 87 -11.65 18.87 -30.97
C PHE B 87 -10.34 19.29 -30.27
N LEU B 88 -9.62 20.24 -30.83
CA LEU B 88 -8.35 20.65 -30.25
C LEU B 88 -8.43 21.97 -29.52
N HIS B 89 -8.03 21.97 -28.25
CA HIS B 89 -8.00 23.19 -27.47
C HIS B 89 -6.80 24.03 -27.84
N ARG B 90 -5.67 23.37 -28.09
CA ARG B 90 -4.49 24.04 -28.61
C ARG B 90 -3.89 23.29 -29.81
N TYR B 91 -2.90 23.88 -30.43
CA TYR B 91 -2.19 23.18 -31.48
C TYR B 91 -0.85 23.83 -31.82
N TYR B 92 -0.18 23.25 -32.80
CA TYR B 92 1.18 23.61 -33.14
C TYR B 92 1.19 24.74 -34.15
N GLN B 93 1.80 25.86 -33.78
CA GLN B 93 1.98 26.95 -34.74
C GLN B 93 3.43 27.05 -35.18
N ARG B 94 3.74 26.46 -36.34
CA ARG B 94 5.10 26.44 -36.83
C ARG B 94 5.63 27.86 -37.02
N GLN B 95 4.74 28.74 -37.44
CA GLN B 95 5.07 30.12 -37.77
C GLN B 95 5.55 30.93 -36.55
N LEU B 96 5.67 30.27 -35.40
CA LEU B 96 6.12 30.95 -34.19
C LEU B 96 7.35 30.32 -33.57
N SER B 97 7.70 29.11 -34.01
CA SER B 97 8.92 28.51 -33.52
C SER B 97 10.10 29.02 -34.33
N SER B 98 10.96 29.77 -33.66
CA SER B 98 12.18 30.29 -34.28
C SER B 98 13.15 29.18 -34.61
N THR B 99 12.68 27.93 -34.56
CA THR B 99 13.54 26.78 -34.81
C THR B 99 12.87 25.76 -35.71
N TYR B 100 11.68 26.11 -36.19
CA TYR B 100 11.01 25.27 -37.16
C TYR B 100 11.83 25.17 -38.43
N ARG B 101 11.83 23.99 -39.03
CA ARG B 101 12.38 23.78 -40.35
C ARG B 101 11.35 22.97 -41.14
N ASP B 102 11.18 23.28 -42.41
CA ASP B 102 10.40 22.41 -43.26
C ASP B 102 11.33 21.36 -43.89
N LEU B 103 10.77 20.21 -44.22
CA LEU B 103 11.50 19.20 -44.97
C LEU B 103 10.78 19.12 -46.30
N ARG B 104 9.76 19.96 -46.42
CA ARG B 104 9.01 20.12 -47.66
C ARG B 104 8.63 18.76 -48.25
N LYS B 105 8.34 17.81 -47.37
CA LYS B 105 7.76 16.54 -47.79
C LYS B 105 6.44 16.42 -47.05
N GLY B 106 5.54 15.58 -47.55
CA GLY B 106 4.27 15.36 -46.89
C GLY B 106 4.20 13.95 -46.35
N VAL B 107 3.33 13.72 -45.37
CA VAL B 107 3.18 12.39 -44.80
C VAL B 107 1.73 12.00 -44.57
N TYR B 108 1.46 10.70 -44.73
CA TYR B 108 0.15 10.11 -44.55
C TYR B 108 0.30 8.88 -43.65
N VAL B 109 -0.32 8.93 -42.47
CA VAL B 109 -0.31 7.79 -41.57
C VAL B 109 -1.72 7.25 -41.44
N PRO B 110 -1.92 5.97 -41.77
CA PRO B 110 -3.18 5.29 -41.52
C PRO B 110 -3.14 4.42 -40.27
N TYR B 111 -4.11 4.52 -39.38
CA TYR B 111 -4.20 3.58 -38.27
C TYR B 111 -5.39 2.65 -38.43
N THR B 112 -5.57 1.75 -37.48
CA THR B 112 -6.75 0.90 -37.47
C THR B 112 -8.01 1.69 -37.17
N GLN B 113 -7.85 2.86 -36.57
CA GLN B 113 -8.97 3.76 -36.31
C GLN B 113 -8.62 5.12 -36.88
N GLY B 114 -9.19 5.46 -38.04
CA GLY B 114 -9.01 6.78 -38.64
C GLY B 114 -7.60 7.04 -39.12
N LYS B 115 -7.35 8.26 -39.59
CA LYS B 115 -6.07 8.58 -40.23
C LYS B 115 -5.84 10.08 -40.26
N TRP B 116 -4.60 10.47 -40.57
CA TRP B 116 -4.31 11.87 -40.85
C TRP B 116 -3.36 12.05 -42.05
N GLU B 117 -3.12 13.31 -42.43
CA GLU B 117 -2.16 13.69 -43.46
C GLU B 117 -1.57 15.01 -43.02
N GLY B 118 -0.32 15.29 -43.38
CA GLY B 118 0.30 16.52 -42.95
C GLY B 118 1.70 16.76 -43.47
N GLU B 119 2.29 17.87 -43.05
CA GLU B 119 3.59 18.28 -43.56
C GLU B 119 4.71 18.01 -42.55
N LEU B 120 5.77 17.35 -43.03
CA LEU B 120 6.95 17.05 -42.22
C LEU B 120 7.77 18.27 -41.85
N GLY B 121 8.84 18.05 -41.11
CA GLY B 121 9.65 19.13 -40.59
C GLY B 121 10.19 18.80 -39.21
N THR B 122 11.24 19.48 -38.81
CA THR B 122 11.90 19.18 -37.55
C THR B 122 11.97 20.43 -36.66
N ASP B 123 11.78 20.21 -35.36
CA ASP B 123 11.85 21.28 -34.37
C ASP B 123 12.45 20.75 -33.07
N LEU B 124 12.56 21.62 -32.07
CA LEU B 124 13.06 21.20 -30.76
C LEU B 124 11.94 20.70 -29.87
N VAL B 125 12.23 19.68 -29.07
CA VAL B 125 11.24 19.05 -28.22
C VAL B 125 11.81 18.82 -26.85
N SER B 126 11.12 19.29 -25.83
CA SER B 126 11.53 19.02 -24.48
C SER B 126 10.40 18.25 -23.83
N ILE B 127 10.69 17.58 -22.71
CA ILE B 127 9.63 16.95 -21.92
C ILE B 127 9.69 17.38 -20.46
N PRO B 128 8.77 18.28 -20.06
CA PRO B 128 8.68 18.82 -18.70
C PRO B 128 8.80 17.74 -17.63
N HIS B 129 7.99 16.70 -17.69
CA HIS B 129 8.07 15.67 -16.66
C HIS B 129 8.77 14.39 -17.13
N GLY B 130 9.94 14.59 -17.71
CA GLY B 130 10.74 13.49 -18.23
C GLY B 130 12.19 13.91 -18.16
N PRO B 131 13.07 13.14 -18.80
CA PRO B 131 14.50 13.43 -18.72
C PRO B 131 14.72 14.89 -19.04
N ASN B 132 15.68 15.49 -18.37
CA ASN B 132 15.92 16.91 -18.47
C ASN B 132 16.73 17.24 -19.72
N VAL B 133 16.11 17.05 -20.89
CA VAL B 133 16.83 17.18 -22.15
C VAL B 133 16.03 17.90 -23.20
N THR B 134 16.73 18.39 -24.22
CA THR B 134 16.11 18.92 -25.43
C THR B 134 16.70 18.25 -26.66
N VAL B 135 15.84 17.78 -27.54
CA VAL B 135 16.27 17.06 -28.73
C VAL B 135 15.69 17.71 -29.95
N ARG B 136 16.32 17.49 -31.10
CA ARG B 136 15.80 17.99 -32.36
C ARG B 136 15.26 16.82 -33.15
N ALA B 137 13.94 16.69 -33.18
CA ALA B 137 13.32 15.52 -33.82
C ALA B 137 12.31 15.84 -34.91
N ASN B 138 12.06 14.85 -35.76
CA ASN B 138 11.07 14.95 -36.81
C ASN B 138 9.65 15.04 -36.24
N ILE B 139 8.91 16.05 -36.69
CA ILE B 139 7.53 16.28 -36.27
C ILE B 139 6.59 16.42 -37.46
N ALA B 140 5.69 15.46 -37.65
CA ALA B 140 4.68 15.63 -38.67
C ALA B 140 3.62 16.60 -38.17
N ALA B 141 3.55 17.79 -38.79
CA ALA B 141 2.47 18.74 -38.51
C ALA B 141 1.19 18.26 -39.16
N ILE B 142 0.23 17.81 -38.36
CA ILE B 142 -1.03 17.32 -38.90
C ILE B 142 -1.95 18.44 -39.39
N THR B 143 -2.39 18.34 -40.65
CA THR B 143 -3.19 19.39 -41.27
C THR B 143 -4.59 18.93 -41.71
N GLU B 144 -4.82 17.62 -41.70
CA GLU B 144 -6.15 17.05 -41.96
C GLU B 144 -6.31 15.66 -41.33
N SER B 145 -7.41 15.44 -40.63
CA SER B 145 -7.64 14.21 -39.87
C SER B 145 -8.96 13.57 -40.22
N ASP B 146 -9.14 12.30 -39.90
CA ASP B 146 -10.44 11.65 -40.00
C ASP B 146 -10.64 10.63 -38.90
N LYS B 147 -11.62 10.87 -38.04
CA LYS B 147 -11.83 10.02 -36.87
C LYS B 147 -10.52 9.73 -36.17
N PHE B 148 -9.63 10.71 -36.07
CA PHE B 148 -8.39 10.46 -35.35
C PHE B 148 -8.44 11.07 -33.95
N PHE B 149 -8.32 12.41 -33.88
CA PHE B 149 -8.50 13.15 -32.64
C PHE B 149 -9.80 12.74 -31.95
N ILE B 150 -9.73 12.59 -30.64
CA ILE B 150 -10.91 12.14 -29.91
C ILE B 150 -11.49 13.32 -29.14
N ASN B 151 -12.81 13.47 -29.18
CA ASN B 151 -13.43 14.65 -28.59
C ASN B 151 -13.54 14.59 -27.07
N GLY B 152 -12.82 15.49 -26.41
CA GLY B 152 -12.84 15.56 -24.95
C GLY B 152 -11.57 14.96 -24.39
N SER B 153 -10.90 14.18 -25.22
CA SER B 153 -9.74 13.38 -24.84
C SER B 153 -8.60 14.19 -24.24
N ASN B 154 -8.50 15.45 -24.65
CA ASN B 154 -7.52 16.39 -24.10
C ASN B 154 -6.11 16.21 -24.63
N TRP B 155 -5.93 15.36 -25.64
CA TRP B 155 -4.63 15.23 -26.26
C TRP B 155 -4.63 15.72 -27.69
N GLU B 156 -3.52 16.34 -28.07
CA GLU B 156 -3.44 17.09 -29.31
C GLU B 156 -2.44 16.53 -30.31
N GLY B 157 -1.75 15.45 -29.95
CA GLY B 157 -0.77 14.83 -30.82
C GLY B 157 -0.44 13.41 -30.37
N ILE B 158 0.13 12.61 -31.25
CA ILE B 158 0.45 11.22 -30.93
C ILE B 158 1.95 11.04 -31.01
N LEU B 159 2.48 10.14 -30.18
CA LEU B 159 3.91 9.86 -30.17
C LEU B 159 4.19 8.39 -30.48
N GLY B 160 4.78 8.12 -31.63
CA GLY B 160 5.07 6.77 -32.02
C GLY B 160 6.39 6.27 -31.44
N LEU B 161 6.29 5.24 -30.62
CA LEU B 161 7.44 4.71 -29.91
C LEU B 161 7.85 3.34 -30.43
N ALA B 162 7.27 2.91 -31.55
CA ALA B 162 7.78 1.68 -32.17
C ALA B 162 8.98 2.03 -33.03
N TYR B 163 9.58 1.03 -33.67
CA TYR B 163 10.84 1.22 -34.39
C TYR B 163 10.63 1.82 -35.78
N ALA B 164 11.70 2.35 -36.38
CA ALA B 164 11.61 3.04 -37.68
C ALA B 164 11.17 2.16 -38.84
N GLU B 165 11.28 0.84 -38.72
CA GLU B 165 10.92 -0.02 -39.84
C GLU B 165 9.50 0.25 -40.30
N ILE B 166 8.70 0.85 -39.45
CA ILE B 166 7.30 1.08 -39.80
C ILE B 166 6.88 2.56 -39.74
N ALA B 167 7.85 3.45 -39.64
CA ALA B 167 7.58 4.87 -39.77
C ALA B 167 7.08 5.17 -41.19
N ARG B 168 6.31 6.25 -41.34
CA ARG B 168 5.90 6.73 -42.65
C ARG B 168 6.49 8.13 -42.77
N PRO B 169 6.85 8.56 -44.00
CA PRO B 169 6.67 8.00 -45.35
C PRO B 169 7.39 6.68 -45.55
N ASP B 170 8.64 6.65 -45.10
CA ASP B 170 9.49 5.46 -45.18
C ASP B 170 10.38 5.39 -43.94
N ASP B 171 11.11 4.29 -43.80
CA ASP B 171 11.89 4.05 -42.58
C ASP B 171 13.07 4.98 -42.41
N SER B 172 13.25 5.92 -43.32
CA SER B 172 14.34 6.87 -43.20
C SER B 172 14.01 7.89 -42.11
N LEU B 173 12.73 8.05 -41.82
CA LEU B 173 12.28 9.10 -40.93
C LEU B 173 12.49 8.68 -39.48
N GLU B 174 13.59 9.15 -38.89
CA GLU B 174 13.99 8.78 -37.54
C GLU B 174 12.88 9.07 -36.52
N PRO B 175 12.37 8.02 -35.85
CA PRO B 175 11.30 8.12 -34.86
C PRO B 175 11.75 8.95 -33.67
N PHE B 176 10.83 9.37 -32.81
CA PHE B 176 11.23 10.28 -31.74
C PHE B 176 12.19 9.64 -30.76
N PHE B 177 11.80 8.50 -30.20
CA PHE B 177 12.61 7.88 -29.18
C PHE B 177 13.97 7.48 -29.72
N ASP B 178 14.05 7.32 -31.04
CA ASP B 178 15.32 7.06 -31.73
C ASP B 178 16.22 8.30 -31.68
N SER B 179 15.67 9.45 -32.06
CA SER B 179 16.41 10.70 -31.97
C SER B 179 16.89 10.97 -30.55
N LEU B 180 16.04 10.62 -29.58
CA LEU B 180 16.35 10.83 -28.16
C LEU B 180 17.55 10.05 -27.66
N VAL B 181 17.60 8.76 -27.94
CA VAL B 181 18.76 7.97 -27.54
C VAL B 181 20.02 8.44 -28.23
N LYS B 182 19.90 8.94 -29.45
CA LYS B 182 21.09 9.31 -30.22
C LYS B 182 21.62 10.70 -29.85
N GLN B 183 20.75 11.54 -29.30
CA GLN B 183 21.14 12.91 -28.97
C GLN B 183 21.42 13.14 -27.47
N THR B 184 21.19 12.13 -26.66
CA THR B 184 21.35 12.31 -25.22
C THR B 184 21.90 11.07 -24.54
N HIS B 185 22.03 11.14 -23.21
CA HIS B 185 22.55 9.99 -22.49
C HIS B 185 21.44 9.15 -21.89
N VAL B 186 20.22 9.40 -22.34
CA VAL B 186 19.07 8.59 -21.99
C VAL B 186 19.27 7.17 -22.51
N PRO B 187 19.33 6.18 -21.62
CA PRO B 187 19.45 4.77 -21.97
C PRO B 187 18.34 4.32 -22.91
N ASN B 188 18.63 3.32 -23.74
CA ASN B 188 17.66 2.88 -24.75
C ASN B 188 16.61 1.97 -24.15
N LEU B 189 15.69 2.59 -23.40
CA LEU B 189 14.79 1.86 -22.54
C LEU B 189 13.63 2.79 -22.15
N PHE B 190 12.44 2.23 -21.94
CA PHE B 190 11.34 2.96 -21.29
C PHE B 190 10.25 2.01 -20.81
N SER B 191 9.46 2.45 -19.85
CA SER B 191 8.44 1.60 -19.22
C SER B 191 7.10 2.30 -19.07
N LEU B 192 6.03 1.53 -19.04
CA LEU B 192 4.68 2.10 -19.03
C LEU B 192 3.76 1.49 -17.99
N GLN B 193 3.39 2.31 -17.03
CA GLN B 193 2.36 1.92 -16.10
C GLN B 193 1.13 2.68 -16.52
N LEU B 194 0.20 2.00 -17.17
CA LEU B 194 -1.07 2.61 -17.52
C LEU B 194 -2.06 2.20 -16.44
N CYS B 195 -2.68 3.19 -15.81
CA CYS B 195 -3.56 2.93 -14.69
C CYS B 195 -5.03 3.03 -15.05
N GLY B 196 -5.73 1.91 -14.97
CA GLY B 196 -7.17 1.88 -15.25
C GLY B 196 -7.98 2.73 -14.28
N ALA B 197 -9.29 2.77 -14.49
CA ALA B 197 -10.15 3.56 -13.60
C ALA B 197 -10.75 2.72 -12.46
N VAL B 210 -7.99 9.89 -14.12
CA VAL B 210 -7.09 8.90 -14.72
C VAL B 210 -5.59 9.32 -14.73
N GLY B 211 -4.69 8.34 -14.62
CA GLY B 211 -3.28 8.62 -14.66
C GLY B 211 -2.39 7.53 -15.28
N GLY B 212 -1.12 7.54 -14.86
CA GLY B 212 -0.15 6.57 -15.32
C GLY B 212 1.26 7.10 -15.16
N SER B 213 2.24 6.26 -15.45
CA SER B 213 3.65 6.66 -15.44
C SER B 213 4.36 6.14 -16.69
N MET B 214 5.09 7.04 -17.35
CA MET B 214 5.95 6.63 -18.42
C MET B 214 7.38 6.91 -17.99
N ILE B 215 8.14 5.89 -17.63
CA ILE B 215 9.53 6.13 -17.24
C ILE B 215 10.48 6.06 -18.42
N ILE B 216 10.97 7.22 -18.81
CA ILE B 216 11.88 7.34 -19.93
C ILE B 216 13.32 7.13 -19.48
N GLY B 217 13.91 6.00 -19.86
CA GLY B 217 15.33 5.78 -19.61
C GLY B 217 15.62 4.71 -18.59
N GLY B 218 14.60 3.98 -18.16
CA GLY B 218 14.81 2.94 -17.18
C GLY B 218 13.56 2.45 -16.47
N ILE B 219 13.76 1.68 -15.43
CA ILE B 219 12.68 1.13 -14.64
C ILE B 219 12.56 1.89 -13.32
N ASP B 220 11.34 2.09 -12.83
CA ASP B 220 11.16 2.58 -11.46
C ASP B 220 10.53 1.49 -10.61
N HIS B 221 11.20 1.12 -9.51
CA HIS B 221 10.81 -0.09 -8.80
C HIS B 221 9.62 0.15 -7.87
N SER B 222 9.40 1.40 -7.52
CA SER B 222 8.26 1.73 -6.69
C SER B 222 6.96 1.37 -7.40
N LEU B 223 7.00 1.34 -8.74
CA LEU B 223 5.79 1.24 -9.56
C LEU B 223 5.24 -0.17 -9.80
N TYR B 224 6.00 -1.19 -9.37
CA TYR B 224 5.56 -2.57 -9.52
C TYR B 224 5.91 -3.45 -8.35
N THR B 225 5.04 -4.42 -8.08
CA THR B 225 5.33 -5.45 -7.11
C THR B 225 6.05 -6.53 -7.91
N GLY B 226 7.29 -6.85 -7.53
CA GLY B 226 8.15 -7.75 -8.29
C GLY B 226 7.51 -9.11 -8.40
N SER B 227 8.01 -9.95 -9.31
CA SER B 227 9.14 -9.64 -10.17
C SER B 227 8.73 -9.70 -11.63
N LEU B 228 9.51 -9.08 -12.51
CA LEU B 228 9.08 -8.95 -13.90
C LEU B 228 9.71 -9.96 -14.84
N TRP B 229 8.85 -10.56 -15.65
CA TRP B 229 9.23 -11.58 -16.60
C TRP B 229 9.33 -11.02 -17.99
N TYR B 230 10.45 -11.26 -18.67
CA TYR B 230 10.67 -10.73 -20.00
C TYR B 230 10.32 -11.72 -21.09
N THR B 231 9.69 -11.22 -22.14
CA THR B 231 9.48 -12.00 -23.35
C THR B 231 10.25 -11.33 -24.47
N PRO B 232 10.86 -12.13 -25.34
CA PRO B 232 11.72 -11.51 -26.34
C PRO B 232 10.90 -10.82 -27.43
N ILE B 233 11.42 -9.71 -27.92
CA ILE B 233 10.85 -9.03 -29.06
C ILE B 233 11.22 -9.75 -30.35
N ARG B 234 10.23 -10.15 -31.13
CA ARG B 234 10.50 -10.95 -32.32
C ARG B 234 11.19 -10.23 -33.47
N ARG B 235 10.74 -9.02 -33.80
CA ARG B 235 11.31 -8.25 -34.90
C ARG B 235 11.27 -6.79 -34.51
N GLU B 236 12.30 -6.02 -34.82
CA GLU B 236 12.24 -4.61 -34.47
C GLU B 236 11.40 -3.82 -35.48
N TRP B 237 10.08 -3.85 -35.31
CA TRP B 237 9.22 -2.98 -36.08
C TRP B 237 8.11 -2.47 -35.18
N TYR B 238 7.06 -3.27 -35.04
CA TYR B 238 6.15 -3.13 -33.91
C TYR B 238 6.87 -3.76 -32.72
N TYR B 239 6.33 -3.59 -31.54
CA TYR B 239 6.83 -4.38 -30.43
C TYR B 239 6.17 -5.74 -30.54
N GLU B 240 6.64 -6.54 -31.48
CA GLU B 240 6.05 -7.86 -31.66
C GLU B 240 6.56 -8.92 -30.66
N VAL B 241 5.63 -9.72 -30.15
CA VAL B 241 5.97 -10.73 -29.17
C VAL B 241 5.38 -12.01 -29.71
N ILE B 242 5.38 -13.07 -28.90
CA ILE B 242 4.81 -14.32 -29.35
C ILE B 242 4.00 -14.99 -28.26
N ILE B 243 2.72 -15.20 -28.53
CA ILE B 243 1.84 -15.88 -27.61
C ILE B 243 1.87 -17.37 -27.84
N VAL B 244 2.23 -18.12 -26.81
CA VAL B 244 2.44 -19.55 -26.98
C VAL B 244 1.24 -20.37 -26.51
N ARG B 245 0.33 -19.74 -25.77
CA ARG B 245 -0.81 -20.45 -25.23
C ARG B 245 -1.83 -19.50 -24.59
N VAL B 246 -3.11 -19.78 -24.78
CA VAL B 246 -4.16 -18.91 -24.26
C VAL B 246 -5.18 -19.69 -23.43
N GLU B 247 -5.39 -19.26 -22.19
CA GLU B 247 -6.29 -19.97 -21.29
C GLU B 247 -7.42 -19.10 -20.78
N ILE B 248 -8.63 -19.64 -20.83
CA ILE B 248 -9.79 -18.99 -20.25
C ILE B 248 -10.21 -19.73 -18.98
N ASN B 249 -10.37 -18.99 -17.89
CA ASN B 249 -10.76 -19.59 -16.62
C ASN B 249 -9.89 -20.80 -16.27
N GLY B 250 -8.62 -20.75 -16.66
CA GLY B 250 -7.70 -21.82 -16.36
C GLY B 250 -7.72 -22.88 -17.44
N GLN B 251 -8.81 -22.89 -18.21
CA GLN B 251 -8.96 -23.85 -19.29
C GLN B 251 -8.36 -23.39 -20.63
N ASP B 252 -7.64 -24.29 -21.31
CA ASP B 252 -6.93 -23.95 -22.54
C ASP B 252 -7.87 -23.90 -23.74
N LEU B 253 -7.70 -22.86 -24.56
CA LEU B 253 -8.53 -22.64 -25.75
C LEU B 253 -8.28 -23.73 -26.78
N LYS B 254 -7.10 -24.35 -26.68
CA LYS B 254 -6.73 -25.48 -27.53
C LYS B 254 -6.84 -25.18 -29.04
N MET B 255 -6.00 -24.29 -29.54
CA MET B 255 -5.93 -23.99 -30.97
C MET B 255 -4.49 -24.10 -31.42
N ASP B 256 -4.27 -24.32 -32.71
CA ASP B 256 -2.91 -24.30 -33.24
C ASP B 256 -2.34 -22.95 -32.84
N CYS B 257 -1.23 -22.94 -32.14
CA CYS B 257 -0.76 -21.70 -31.53
C CYS B 257 -0.26 -20.62 -32.52
N LYS B 258 -0.20 -20.92 -33.81
CA LYS B 258 0.07 -19.88 -34.79
C LYS B 258 -1.14 -18.95 -34.83
N GLU B 259 -2.31 -19.54 -34.63
CA GLU B 259 -3.55 -18.79 -34.62
C GLU B 259 -3.50 -17.56 -33.72
N TYR B 260 -2.86 -17.68 -32.56
CA TYR B 260 -2.78 -16.55 -31.63
C TYR B 260 -1.93 -15.45 -32.22
N ASN B 261 -0.96 -15.81 -33.04
CA ASN B 261 -0.08 -14.81 -33.62
C ASN B 261 -0.28 -14.60 -35.09
N TYR B 262 -1.41 -15.08 -35.60
CA TYR B 262 -1.79 -14.88 -37.00
C TYR B 262 -1.69 -13.42 -37.48
N ASP B 263 -0.82 -13.23 -38.47
CA ASP B 263 -0.15 -11.97 -38.80
C ASP B 263 0.91 -11.62 -37.74
N LYS B 264 0.47 -11.16 -36.57
CA LYS B 264 1.41 -10.79 -35.54
C LYS B 264 0.73 -10.62 -34.19
N SER B 265 1.51 -10.28 -33.18
CA SER B 265 0.97 -9.89 -31.89
C SER B 265 1.82 -8.75 -31.40
N ILE B 266 1.19 -7.67 -30.97
CA ILE B 266 1.98 -6.51 -30.59
C ILE B 266 1.51 -5.91 -29.28
N VAL B 267 2.42 -5.25 -28.57
CA VAL B 267 2.03 -4.51 -27.39
C VAL B 267 1.79 -3.06 -27.82
N ASP B 268 0.59 -2.55 -27.58
CA ASP B 268 0.20 -1.28 -28.18
C ASP B 268 -0.61 -0.34 -27.28
N SER B 269 0.08 0.59 -26.61
CA SER B 269 -0.59 1.48 -25.66
C SER B 269 -1.59 2.38 -26.36
N GLY B 270 -1.52 2.39 -27.69
CA GLY B 270 -2.36 3.24 -28.49
C GLY B 270 -3.71 2.59 -28.71
N THR B 271 -3.80 1.28 -28.52
CA THR B 271 -5.07 0.60 -28.69
C THR B 271 -5.79 0.36 -27.37
N THR B 272 -7.11 0.51 -27.37
CA THR B 272 -7.90 0.28 -26.17
C THR B 272 -8.00 -1.19 -25.86
N ASN B 273 -8.73 -1.88 -26.71
CA ASN B 273 -9.12 -3.24 -26.42
C ASN B 273 -7.94 -4.20 -26.50
N LEU B 274 -8.19 -5.45 -26.09
CA LEU B 274 -7.36 -6.56 -26.48
C LEU B 274 -8.03 -7.16 -27.71
N ARG B 275 -7.35 -7.08 -28.85
CA ARG B 275 -7.93 -7.52 -30.12
C ARG B 275 -7.33 -8.85 -30.54
N LEU B 276 -8.18 -9.79 -30.92
CA LEU B 276 -7.74 -11.12 -31.29
C LEU B 276 -8.07 -11.42 -32.76
N PRO B 277 -7.25 -12.27 -33.41
CA PRO B 277 -7.53 -12.74 -34.77
C PRO B 277 -8.90 -13.38 -34.86
N LYS B 278 -9.53 -13.39 -36.02
CA LYS B 278 -10.92 -13.86 -36.08
C LYS B 278 -11.03 -15.24 -35.46
N LYS B 279 -10.33 -16.22 -36.01
CA LYS B 279 -10.45 -17.61 -35.57
C LYS B 279 -10.43 -17.72 -34.05
N VAL B 280 -9.56 -16.94 -33.42
CA VAL B 280 -9.38 -16.95 -31.98
C VAL B 280 -10.49 -16.18 -31.28
N PHE B 281 -10.69 -14.93 -31.69
CA PHE B 281 -11.75 -14.13 -31.10
C PHE B 281 -13.04 -14.92 -30.97
N GLU B 282 -13.39 -15.67 -32.01
CA GLU B 282 -14.56 -16.54 -31.94
C GLU B 282 -14.39 -17.38 -30.69
N ALA B 283 -13.65 -18.47 -30.83
CA ALA B 283 -13.35 -19.41 -29.75
C ALA B 283 -13.25 -18.77 -28.36
N ALA B 284 -12.64 -17.60 -28.28
CA ALA B 284 -12.51 -16.91 -27.01
C ALA B 284 -13.88 -16.62 -26.44
N VAL B 285 -14.74 -16.06 -27.28
CA VAL B 285 -16.09 -15.65 -26.87
C VAL B 285 -16.99 -16.81 -26.44
N LYS B 286 -16.99 -17.90 -27.22
CA LYS B 286 -17.73 -19.12 -26.88
C LYS B 286 -17.51 -19.44 -25.42
N SER B 287 -16.22 -19.56 -25.08
CA SER B 287 -15.79 -19.93 -23.75
C SER B 287 -16.06 -18.84 -22.70
N ILE B 288 -15.68 -17.59 -22.98
CA ILE B 288 -15.90 -16.55 -21.99
C ILE B 288 -17.38 -16.50 -21.65
N LYS B 289 -18.23 -16.86 -22.61
CA LYS B 289 -19.66 -16.97 -22.33
C LYS B 289 -19.93 -18.22 -21.49
N ALA B 290 -19.67 -19.39 -22.08
CA ALA B 290 -19.90 -20.66 -21.39
C ALA B 290 -19.46 -20.68 -19.92
N ALA B 291 -18.32 -20.07 -19.62
CA ALA B 291 -17.76 -20.11 -18.28
C ALA B 291 -18.27 -18.96 -17.42
N SER B 292 -19.36 -18.33 -17.85
CA SER B 292 -19.96 -17.27 -17.07
C SER B 292 -21.48 -17.41 -17.02
N SER B 293 -21.90 -18.61 -16.64
CA SER B 293 -23.30 -18.98 -16.34
C SER B 293 -23.62 -20.40 -16.86
N THR B 294 -23.47 -20.66 -18.15
CA THR B 294 -22.97 -19.71 -19.16
C THR B 294 -23.86 -18.47 -19.34
N GLU B 295 -23.21 -17.34 -19.58
CA GLU B 295 -23.90 -16.12 -19.95
C GLU B 295 -24.69 -16.36 -21.25
N LYS B 296 -25.42 -15.34 -21.68
CA LYS B 296 -26.32 -15.44 -22.82
C LYS B 296 -27.16 -14.15 -22.91
N PHE B 297 -26.45 -13.03 -22.96
CA PHE B 297 -27.06 -11.71 -23.10
C PHE B 297 -27.20 -11.52 -24.60
N PRO B 298 -27.46 -10.27 -25.06
CA PRO B 298 -27.60 -10.06 -26.50
C PRO B 298 -26.28 -10.25 -27.24
N ASP B 299 -26.32 -10.77 -28.46
CA ASP B 299 -25.13 -10.86 -29.31
C ASP B 299 -24.35 -9.56 -29.33
N GLY B 300 -25.06 -8.47 -29.62
CA GLY B 300 -24.45 -7.14 -29.71
C GLY B 300 -23.57 -6.77 -28.54
N PHE B 301 -23.59 -7.57 -27.49
CA PHE B 301 -22.72 -7.35 -26.33
C PHE B 301 -21.30 -7.79 -26.64
N TRP B 302 -21.18 -9.03 -27.09
CA TRP B 302 -19.90 -9.60 -27.45
C TRP B 302 -19.32 -8.86 -28.64
N LEU B 303 -20.19 -8.28 -29.47
CA LEU B 303 -19.72 -7.50 -30.61
C LEU B 303 -19.34 -6.09 -30.22
N GLY B 304 -19.54 -5.74 -28.96
CA GLY B 304 -19.18 -4.42 -28.49
C GLY B 304 -20.20 -3.33 -28.82
N GLU B 305 -21.37 -3.73 -29.29
CA GLU B 305 -22.41 -2.75 -29.61
C GLU B 305 -23.31 -2.43 -28.42
N GLN B 306 -23.99 -3.44 -27.87
CA GLN B 306 -24.88 -3.26 -26.73
C GLN B 306 -24.12 -3.34 -25.42
N LEU B 307 -24.40 -2.42 -24.50
CA LEU B 307 -23.73 -2.42 -23.21
C LEU B 307 -24.52 -3.25 -22.22
N VAL B 308 -24.22 -3.11 -20.93
CA VAL B 308 -24.71 -4.02 -19.91
C VAL B 308 -24.43 -3.49 -18.51
N CYS B 309 -25.48 -3.47 -17.69
CA CYS B 309 -25.42 -2.79 -16.42
C CYS B 309 -25.94 -3.62 -15.25
N TRP B 310 -25.64 -3.12 -14.05
CA TRP B 310 -26.07 -3.70 -12.78
C TRP B 310 -26.22 -2.52 -11.84
N GLN B 311 -27.01 -2.65 -10.78
CA GLN B 311 -27.12 -1.57 -9.80
C GLN B 311 -25.73 -1.25 -9.27
N ALA B 312 -25.38 0.04 -9.26
CA ALA B 312 -24.07 0.50 -8.76
C ALA B 312 -23.56 -0.25 -7.51
N GLY B 313 -22.41 -0.91 -7.65
CA GLY B 313 -21.77 -1.60 -6.54
C GLY B 313 -21.99 -3.10 -6.58
N THR B 314 -23.01 -3.53 -7.29
CA THR B 314 -23.45 -4.92 -7.27
C THR B 314 -22.75 -5.78 -8.32
N THR B 315 -22.13 -5.13 -9.30
CA THR B 315 -21.43 -5.80 -10.40
C THR B 315 -20.79 -7.09 -9.89
N PRO B 316 -21.11 -8.23 -10.53
CA PRO B 316 -20.77 -9.59 -10.10
C PRO B 316 -19.51 -10.13 -10.77
N TRP B 317 -18.39 -9.46 -10.53
CA TRP B 317 -17.13 -9.84 -11.15
C TRP B 317 -16.87 -11.35 -11.11
N ASN B 318 -17.24 -11.99 -10.02
CA ASN B 318 -16.91 -13.39 -9.79
C ASN B 318 -17.43 -14.39 -10.82
N ILE B 319 -18.45 -14.00 -11.60
CA ILE B 319 -19.05 -14.93 -12.54
C ILE B 319 -18.22 -15.08 -13.81
N PHE B 320 -17.45 -14.04 -14.12
CA PHE B 320 -16.65 -14.02 -15.36
C PHE B 320 -15.31 -14.71 -15.15
N PRO B 321 -14.74 -15.25 -16.22
CA PRO B 321 -13.49 -16.00 -16.15
C PRO B 321 -12.28 -15.08 -16.21
N VAL B 322 -11.13 -15.53 -15.72
CA VAL B 322 -9.89 -14.81 -15.94
C VAL B 322 -9.29 -15.30 -17.24
N ILE B 323 -8.59 -14.41 -17.92
CA ILE B 323 -7.94 -14.79 -19.16
C ILE B 323 -6.45 -14.80 -18.91
N SER B 324 -5.79 -15.84 -19.41
CA SER B 324 -4.36 -16.03 -19.25
C SER B 324 -3.67 -16.03 -20.61
N LEU B 325 -2.68 -15.17 -20.76
CA LEU B 325 -1.84 -15.15 -21.95
C LEU B 325 -0.47 -15.68 -21.62
N TYR B 326 -0.11 -16.85 -22.16
CA TYR B 326 1.27 -17.35 -22.00
C TYR B 326 2.20 -16.80 -23.09
N LEU B 327 3.10 -15.90 -22.70
CA LEU B 327 4.07 -15.36 -23.63
C LEU B 327 5.29 -16.23 -23.60
N MET B 328 6.15 -16.10 -24.60
CA MET B 328 7.37 -16.89 -24.67
C MET B 328 8.48 -16.24 -23.83
N GLY B 329 9.16 -17.06 -23.03
CA GLY B 329 10.20 -16.56 -22.15
C GLY B 329 11.53 -16.30 -22.85
N GLU B 330 12.43 -15.61 -22.15
CA GLU B 330 13.77 -15.39 -22.65
C GLU B 330 14.55 -16.69 -22.68
N VAL B 331 14.42 -17.46 -21.60
CA VAL B 331 15.09 -18.75 -21.45
C VAL B 331 14.53 -19.80 -22.41
N THR B 332 15.39 -20.68 -22.90
CA THR B 332 14.95 -21.71 -23.85
C THR B 332 13.82 -22.53 -23.26
N ASN B 333 12.86 -22.93 -24.08
CA ASN B 333 11.77 -23.81 -23.65
C ASN B 333 10.92 -23.36 -22.45
N GLN B 334 10.99 -22.11 -22.05
CA GLN B 334 10.08 -21.69 -20.97
C GLN B 334 9.15 -20.51 -21.28
N SER B 335 7.93 -20.62 -20.79
CA SER B 335 6.93 -19.58 -20.94
C SER B 335 6.53 -19.06 -19.59
N PHE B 336 6.04 -17.82 -19.57
CA PHE B 336 5.33 -17.29 -18.42
C PHE B 336 3.94 -16.84 -18.86
N ARG B 337 3.10 -16.47 -17.91
CA ARG B 337 1.73 -16.06 -18.24
C ARG B 337 1.35 -14.78 -17.55
N ILE B 338 0.65 -13.92 -18.29
CA ILE B 338 -0.05 -12.80 -17.69
C ILE B 338 -1.55 -13.09 -17.61
N THR B 339 -2.13 -12.71 -16.47
CA THR B 339 -3.52 -13.00 -16.20
C THR B 339 -4.26 -11.73 -15.93
N ILE B 340 -5.44 -11.61 -16.54
CA ILE B 340 -6.24 -10.40 -16.47
C ILE B 340 -7.64 -10.74 -15.98
N LEU B 341 -8.19 -9.86 -15.14
CA LEU B 341 -9.50 -10.07 -14.54
C LEU B 341 -10.52 -9.39 -15.41
N PRO B 342 -11.81 -9.61 -15.11
CA PRO B 342 -12.83 -8.89 -15.88
C PRO B 342 -12.79 -7.38 -15.63
N GLN B 343 -12.31 -6.96 -14.47
CA GLN B 343 -12.13 -5.53 -14.23
C GLN B 343 -11.32 -4.86 -15.33
N GLN B 344 -10.61 -5.66 -16.12
CA GLN B 344 -9.82 -5.13 -17.21
C GLN B 344 -10.53 -5.21 -18.56
N TYR B 345 -11.18 -6.33 -18.85
CA TYR B 345 -11.83 -6.49 -20.15
C TYR B 345 -13.32 -6.17 -20.15
N LEU B 346 -13.79 -5.54 -19.09
CA LEU B 346 -15.10 -4.91 -19.06
C LEU B 346 -14.83 -3.49 -18.66
N ARG B 347 -14.76 -2.61 -19.65
CA ARG B 347 -14.52 -1.20 -19.42
C ARG B 347 -15.83 -0.52 -19.05
N PRO B 348 -15.77 0.42 -18.10
CA PRO B 348 -16.90 1.27 -17.69
C PRO B 348 -17.20 2.32 -18.75
N VAL B 349 -18.37 2.96 -18.66
CA VAL B 349 -18.74 4.01 -19.61
C VAL B 349 -19.38 5.20 -18.88
N GLU B 350 -19.31 6.39 -19.50
CA GLU B 350 -19.89 7.60 -18.88
C GLU B 350 -21.26 8.00 -19.44
N ASP B 351 -22.30 7.36 -18.91
CA ASP B 351 -23.71 7.58 -19.27
C ASP B 351 -24.47 6.25 -19.33
N SER B 355 -27.35 7.52 -15.71
CA SER B 355 -28.18 6.91 -14.69
C SER B 355 -27.39 6.51 -13.45
N GLN B 356 -28.09 6.02 -12.43
CA GLN B 356 -27.43 5.60 -11.19
C GLN B 356 -27.04 4.14 -11.27
N ASP B 357 -26.42 3.77 -12.40
CA ASP B 357 -26.02 2.40 -12.67
C ASP B 357 -24.55 2.30 -13.02
N ASP B 358 -24.01 1.10 -13.00
CA ASP B 358 -22.69 0.84 -13.58
C ASP B 358 -22.83 0.03 -14.87
N CYS B 359 -22.24 0.55 -15.95
CA CYS B 359 -22.38 -0.06 -17.27
C CYS B 359 -21.04 -0.38 -17.91
N TYR B 360 -21.00 -1.43 -18.73
CA TYR B 360 -19.73 -1.95 -19.20
C TYR B 360 -19.71 -2.37 -20.67
N LYS B 361 -18.76 -1.84 -21.44
CA LYS B 361 -18.51 -2.29 -22.81
C LYS B 361 -17.55 -3.47 -22.80
N PHE B 362 -17.82 -4.50 -23.60
CA PHE B 362 -16.95 -5.66 -23.71
C PHE B 362 -15.74 -5.26 -24.55
N ALA B 363 -14.56 -5.17 -23.93
CA ALA B 363 -13.41 -4.62 -24.63
C ALA B 363 -12.43 -5.68 -25.17
N ILE B 364 -12.97 -6.79 -25.64
CA ILE B 364 -12.20 -7.75 -26.42
C ILE B 364 -12.82 -7.83 -27.81
N SER B 365 -12.22 -7.13 -28.77
CA SER B 365 -12.76 -7.03 -30.12
C SER B 365 -12.13 -8.08 -30.99
N GLN B 366 -12.36 -7.99 -32.29
CA GLN B 366 -11.66 -8.90 -33.18
C GLN B 366 -10.84 -8.11 -34.16
N SER B 367 -9.94 -8.78 -34.84
CA SER B 367 -8.95 -8.10 -35.66
C SER B 367 -8.52 -8.92 -36.86
N SER B 368 -7.97 -8.25 -37.86
CA SER B 368 -7.52 -8.88 -39.09
C SER B 368 -6.01 -8.69 -39.26
N THR B 369 -5.46 -7.76 -38.48
CA THR B 369 -4.03 -7.47 -38.52
C THR B 369 -3.27 -8.22 -37.43
N GLY B 370 -3.93 -9.20 -36.81
CA GLY B 370 -3.34 -9.98 -35.73
C GLY B 370 -3.76 -9.54 -34.34
N THR B 371 -3.05 -10.02 -33.32
CA THR B 371 -3.39 -9.74 -31.94
C THR B 371 -2.81 -8.42 -31.49
N VAL B 372 -3.62 -7.62 -30.81
CA VAL B 372 -3.11 -6.40 -30.22
C VAL B 372 -3.41 -6.36 -28.74
N MET B 373 -2.35 -6.27 -27.95
CA MET B 373 -2.45 -6.18 -26.50
C MET B 373 -2.44 -4.71 -26.13
N GLY B 374 -3.63 -4.11 -26.07
CA GLY B 374 -3.79 -2.70 -25.78
C GLY B 374 -3.97 -2.50 -24.29
N ALA B 375 -4.56 -1.36 -23.90
CA ALA B 375 -4.75 -1.03 -22.49
C ALA B 375 -5.44 -2.14 -21.71
N VAL B 376 -6.41 -2.81 -22.32
CA VAL B 376 -7.10 -3.89 -21.63
C VAL B 376 -6.11 -4.86 -21.00
N ILE B 377 -4.96 -5.02 -21.65
CA ILE B 377 -3.87 -5.84 -21.13
C ILE B 377 -2.89 -5.00 -20.32
N MET B 378 -2.35 -3.96 -20.94
CA MET B 378 -1.27 -3.18 -20.36
C MET B 378 -1.58 -2.46 -19.06
N GLU B 379 -2.87 -2.39 -18.72
CA GLU B 379 -3.34 -1.67 -17.53
C GLU B 379 -2.98 -2.31 -16.18
N GLY B 380 -3.05 -3.64 -16.11
CA GLY B 380 -2.74 -4.33 -14.88
C GLY B 380 -1.25 -4.43 -14.58
N PHE B 381 -0.44 -4.09 -15.57
CA PHE B 381 0.98 -4.40 -15.50
C PHE B 381 1.91 -3.23 -15.73
N TYR B 382 3.07 -3.30 -15.09
CA TYR B 382 4.19 -2.46 -15.45
C TYR B 382 4.81 -3.11 -16.66
N VAL B 383 4.91 -2.39 -17.76
CA VAL B 383 5.44 -3.00 -18.97
C VAL B 383 6.74 -2.32 -19.37
N VAL B 384 7.80 -3.12 -19.49
CA VAL B 384 9.12 -2.58 -19.80
C VAL B 384 9.49 -2.80 -21.25
N PHE B 385 9.67 -1.72 -21.99
CA PHE B 385 10.16 -1.84 -23.35
C PHE B 385 11.68 -1.75 -23.37
N ASP B 386 12.33 -2.88 -23.10
CA ASP B 386 13.78 -2.94 -23.02
C ASP B 386 14.35 -3.01 -24.43
N ARG B 387 14.34 -1.88 -25.09
CA ARG B 387 14.71 -1.81 -26.49
C ARG B 387 16.13 -2.25 -26.65
N ALA B 388 16.99 -1.75 -25.76
CA ALA B 388 18.41 -2.07 -25.79
C ALA B 388 18.68 -3.57 -25.72
N ARG B 389 18.11 -4.25 -24.73
CA ARG B 389 18.24 -5.70 -24.66
C ARG B 389 17.19 -6.45 -25.51
N LYS B 390 16.45 -5.72 -26.34
CA LYS B 390 15.56 -6.34 -27.32
C LYS B 390 14.56 -7.32 -26.70
N ARG B 391 13.75 -6.81 -25.78
CA ARG B 391 12.75 -7.60 -25.06
C ARG B 391 11.73 -6.73 -24.31
N ILE B 392 10.61 -7.35 -23.94
CA ILE B 392 9.52 -6.68 -23.25
C ILE B 392 9.32 -7.30 -21.87
N GLY B 393 9.20 -6.45 -20.85
CA GLY B 393 9.07 -6.91 -19.48
C GLY B 393 7.70 -6.65 -18.89
N PHE B 394 7.17 -7.67 -18.22
CA PHE B 394 5.86 -7.62 -17.56
C PHE B 394 5.96 -7.89 -16.07
N ALA B 395 5.43 -6.98 -15.26
CA ALA B 395 5.33 -7.19 -13.84
C ALA B 395 3.96 -6.71 -13.40
N VAL B 396 3.45 -7.22 -12.27
CA VAL B 396 2.21 -6.71 -11.70
C VAL B 396 2.37 -5.28 -11.24
N SER B 397 1.42 -4.43 -11.62
CA SER B 397 1.51 -3.00 -11.39
C SER B 397 1.24 -2.63 -9.93
N ALA B 398 1.83 -1.53 -9.48
CA ALA B 398 1.48 -0.99 -8.16
C ALA B 398 0.06 -0.43 -8.17
N CYS B 399 -0.64 -0.59 -9.27
CA CYS B 399 -2.02 -0.14 -9.36
C CYS B 399 -2.85 -1.09 -10.22
N HIS B 400 -3.00 -2.33 -9.75
CA HIS B 400 -3.55 -3.41 -10.57
C HIS B 400 -5.00 -3.75 -10.27
N VAL B 401 -5.90 -2.76 -10.36
CA VAL B 401 -7.33 -2.93 -10.03
C VAL B 401 -7.66 -4.45 -9.96
N HIS B 402 -7.95 -4.88 -8.73
CA HIS B 402 -8.20 -6.28 -8.39
C HIS B 402 -9.44 -6.31 -7.53
N ASP B 403 -9.85 -7.49 -7.09
CA ASP B 403 -10.95 -7.57 -6.15
C ASP B 403 -10.52 -8.33 -4.90
N GLU B 404 -11.48 -8.73 -4.08
CA GLU B 404 -11.18 -9.44 -2.85
C GLU B 404 -10.54 -10.80 -3.13
N PHE B 405 -11.10 -11.57 -4.04
CA PHE B 405 -10.64 -12.94 -4.28
C PHE B 405 -9.53 -13.07 -5.33
N ARG B 406 -9.71 -12.42 -6.48
CA ARG B 406 -8.78 -12.54 -7.60
C ARG B 406 -7.87 -11.33 -7.77
N THR B 407 -6.79 -11.51 -8.53
CA THR B 407 -5.85 -10.43 -8.80
C THR B 407 -5.05 -10.68 -10.08
N ALA B 408 -4.78 -9.63 -10.84
CA ALA B 408 -3.94 -9.72 -12.03
C ALA B 408 -2.56 -10.25 -11.65
N ALA B 409 -2.02 -11.13 -12.49
CA ALA B 409 -0.87 -11.93 -12.14
C ALA B 409 0.18 -11.99 -13.24
N VAL B 410 1.43 -12.21 -12.84
CA VAL B 410 2.52 -12.56 -13.75
C VAL B 410 3.30 -13.75 -13.16
N GLU B 411 3.04 -14.94 -13.67
CA GLU B 411 3.65 -16.14 -13.11
C GLU B 411 4.44 -16.97 -14.10
N GLY B 412 5.41 -17.72 -13.58
CA GLY B 412 6.21 -18.64 -14.36
C GLY B 412 7.24 -19.35 -13.51
N PRO B 413 8.03 -20.22 -14.13
CA PRO B 413 7.84 -20.50 -15.56
C PRO B 413 7.03 -21.77 -15.76
N PHE B 414 6.76 -22.07 -17.03
CA PHE B 414 6.07 -23.28 -17.40
C PHE B 414 6.85 -23.92 -18.52
N VAL B 415 6.77 -25.24 -18.60
CA VAL B 415 7.48 -25.89 -19.68
C VAL B 415 6.63 -25.83 -20.92
N THR B 416 7.26 -25.46 -22.03
CA THR B 416 6.54 -25.19 -23.27
C THR B 416 7.46 -25.45 -24.48
N LEU B 417 7.10 -26.42 -25.30
CA LEU B 417 8.02 -26.88 -26.34
C LEU B 417 7.72 -26.29 -27.72
N ASP B 418 8.77 -26.08 -28.50
CA ASP B 418 8.62 -25.67 -29.90
C ASP B 418 7.90 -24.34 -30.01
N MET B 419 8.11 -23.47 -29.04
CA MET B 419 7.46 -22.16 -29.01
C MET B 419 7.72 -21.39 -30.31
N GLU B 420 8.95 -21.44 -30.80
CA GLU B 420 9.32 -20.74 -32.03
C GLU B 420 8.38 -21.07 -33.20
N ASP B 421 7.69 -22.21 -33.11
CA ASP B 421 6.73 -22.64 -34.13
C ASP B 421 5.43 -21.84 -34.10
N CYS B 422 5.29 -20.95 -33.12
CA CYS B 422 4.06 -20.22 -32.90
C CYS B 422 4.01 -18.92 -33.70
N GLY B 423 5.18 -18.45 -34.09
CA GLY B 423 5.27 -17.27 -34.92
C GLY B 423 4.73 -17.56 -36.31
N TYR B 424 4.16 -16.54 -36.93
CA TYR B 424 3.63 -16.66 -38.28
C TYR B 424 4.74 -16.18 -39.19
N ASN B 425 4.48 -16.10 -40.49
CA ASN B 425 5.48 -15.56 -41.44
C ASN B 425 4.89 -15.25 -42.82
N ILE B 426 5.57 -14.39 -43.57
CA ILE B 426 4.98 -13.67 -44.71
C ILE B 426 4.26 -12.42 -44.17
N ARG C 35 -8.44 -7.14 4.97
CA ARG C 35 -8.12 -8.56 4.97
C ARG C 35 -6.69 -8.82 4.51
N ARG C 36 -6.02 -7.81 3.97
CA ARG C 36 -4.64 -7.98 3.48
C ARG C 36 -3.69 -6.82 3.80
N GLY C 37 -4.21 -5.73 4.38
CA GLY C 37 -3.39 -4.56 4.71
C GLY C 37 -2.22 -4.89 5.64
N SER C 38 -1.90 -3.98 6.58
CA SER C 38 -0.90 -4.28 7.63
C SER C 38 -0.28 -3.12 8.44
N PHE C 39 -0.55 -3.03 9.75
CA PHE C 39 -1.43 -3.87 10.60
C PHE C 39 -0.91 -3.73 12.03
N VAL C 40 -0.31 -2.56 12.27
CA VAL C 40 0.56 -2.30 13.39
C VAL C 40 -0.01 -2.53 14.78
N GLU C 41 -1.34 -2.59 14.94
CA GLU C 41 -1.86 -2.68 16.29
C GLU C 41 -1.74 -4.10 16.83
N MET C 42 -1.62 -5.06 15.93
CA MET C 42 -1.60 -6.47 16.31
C MET C 42 -0.23 -7.12 16.22
N VAL C 43 0.67 -6.60 15.40
CA VAL C 43 2.03 -7.14 15.35
C VAL C 43 2.76 -7.03 16.69
N ASP C 44 3.45 -8.11 17.07
CA ASP C 44 4.13 -8.27 18.39
C ASP C 44 3.16 -8.52 19.53
N ASN C 45 1.94 -8.94 19.21
CA ASN C 45 0.93 -9.08 20.23
C ASN C 45 0.97 -10.44 20.93
N LEU C 46 2.03 -11.20 20.69
CA LEU C 46 2.27 -12.46 21.41
C LEU C 46 3.53 -12.35 22.24
N ARG C 47 3.49 -12.96 23.43
CA ARG C 47 4.68 -13.08 24.29
C ARG C 47 4.90 -14.54 24.67
N GLY C 48 6.02 -14.82 25.32
CA GLY C 48 6.32 -16.18 25.70
C GLY C 48 7.55 -16.26 26.58
N LYS C 49 7.52 -17.17 27.55
CA LYS C 49 8.71 -17.43 28.37
C LYS C 49 9.72 -18.33 27.62
N SER C 50 9.20 -19.11 26.66
CA SER C 50 10.00 -19.94 25.76
C SER C 50 9.88 -21.43 26.02
N GLY C 51 9.44 -22.17 25.01
CA GLY C 51 9.16 -23.59 25.17
C GLY C 51 8.02 -23.75 26.15
N GLN C 52 7.36 -22.64 26.47
CA GLN C 52 6.38 -22.59 27.54
C GLN C 52 5.01 -22.25 27.01
N GLY C 53 4.95 -21.76 25.78
CA GLY C 53 3.69 -21.43 25.17
C GLY C 53 3.66 -19.99 24.69
N TYR C 54 2.89 -19.74 23.64
CA TYR C 54 2.68 -18.38 23.17
C TYR C 54 1.32 -17.87 23.61
N TYR C 55 1.27 -16.64 24.11
CA TYR C 55 0.01 -16.11 24.59
C TYR C 55 -0.25 -14.66 24.15
N VAL C 56 -1.51 -14.42 23.80
CA VAL C 56 -1.98 -13.07 23.56
C VAL C 56 -2.70 -12.62 24.80
N GLU C 57 -2.60 -11.35 25.13
CA GLU C 57 -3.33 -10.84 26.28
C GLU C 57 -4.78 -10.55 25.93
N MET C 58 -5.70 -11.05 26.73
CA MET C 58 -7.12 -10.75 26.56
C MET C 58 -7.70 -10.15 27.84
N THR C 59 -8.98 -9.79 27.81
CA THR C 59 -9.70 -9.33 29.00
C THR C 59 -11.13 -9.87 29.02
N VAL C 60 -11.49 -10.47 30.16
CA VAL C 60 -12.84 -10.97 30.37
C VAL C 60 -13.56 -10.20 31.47
N GLY C 61 -14.86 -9.99 31.26
CA GLY C 61 -15.73 -9.41 32.27
C GLY C 61 -15.72 -7.89 32.32
N SER C 62 -16.59 -7.32 33.16
CA SER C 62 -16.62 -5.89 33.39
C SER C 62 -16.95 -5.61 34.87
N PRO C 63 -16.09 -4.83 35.54
CA PRO C 63 -14.89 -4.25 34.95
C PRO C 63 -13.97 -5.34 34.46
N PRO C 64 -13.21 -5.05 33.40
CA PRO C 64 -12.42 -6.04 32.67
C PRO C 64 -11.20 -6.51 33.43
N GLN C 65 -11.09 -7.81 33.66
CA GLN C 65 -9.90 -8.40 34.27
C GLN C 65 -8.95 -8.85 33.17
N THR C 66 -7.65 -8.59 33.34
CA THR C 66 -6.68 -8.93 32.30
C THR C 66 -6.02 -10.30 32.47
N LEU C 67 -6.01 -11.11 31.41
CA LEU C 67 -5.52 -12.49 31.48
C LEU C 67 -4.68 -12.94 30.29
N ASN C 68 -3.39 -13.19 30.49
CA ASN C 68 -2.59 -13.77 29.42
C ASN C 68 -3.14 -15.10 28.93
N ILE C 69 -3.57 -15.16 27.67
CA ILE C 69 -4.13 -16.39 27.11
C ILE C 69 -3.24 -17.07 26.05
N LEU C 70 -3.13 -18.39 26.13
CA LEU C 70 -2.33 -19.17 25.21
C LEU C 70 -3.09 -19.36 23.94
N VAL C 71 -2.39 -19.27 22.82
CA VAL C 71 -2.99 -19.46 21.51
C VAL C 71 -2.80 -20.91 21.11
N ASP C 72 -3.89 -21.66 20.95
CA ASP C 72 -3.79 -23.08 20.66
C ASP C 72 -4.75 -23.49 19.56
N THR C 73 -4.23 -23.71 18.36
CA THR C 73 -5.11 -24.07 17.24
C THR C 73 -5.50 -25.54 17.26
N GLY C 74 -5.12 -26.22 18.35
CA GLY C 74 -5.32 -27.65 18.47
C GLY C 74 -6.55 -28.03 19.26
N SER C 75 -7.40 -27.04 19.59
CA SER C 75 -8.66 -27.28 20.30
C SER C 75 -9.57 -26.06 20.24
N SER C 76 -10.85 -26.27 20.55
CA SER C 76 -11.87 -25.23 20.36
C SER C 76 -12.56 -24.75 21.64
N ASN C 77 -11.81 -24.72 22.73
CA ASN C 77 -12.39 -24.30 23.99
C ASN C 77 -11.67 -23.11 24.60
N PHE C 78 -12.41 -22.01 24.71
CA PHE C 78 -11.95 -20.88 25.49
C PHE C 78 -12.15 -21.29 26.94
N ALA C 79 -11.15 -21.02 27.77
CA ALA C 79 -11.18 -21.44 29.16
C ALA C 79 -10.06 -20.78 29.96
N VAL C 80 -10.43 -20.24 31.13
CA VAL C 80 -9.48 -19.53 31.97
C VAL C 80 -9.39 -20.05 33.41
N GLY C 81 -8.22 -19.87 34.01
CA GLY C 81 -8.05 -20.22 35.41
C GLY C 81 -9.02 -19.42 36.24
N ALA C 82 -9.98 -20.12 36.85
CA ALA C 82 -10.98 -19.46 37.66
C ALA C 82 -10.60 -19.43 39.15
N ALA C 83 -10.21 -20.58 39.68
CA ALA C 83 -9.78 -20.65 41.07
C ALA C 83 -8.26 -20.60 41.17
N PRO C 84 -7.73 -20.13 42.33
CA PRO C 84 -6.29 -20.05 42.57
C PRO C 84 -5.55 -21.37 42.37
N HIS C 85 -4.25 -21.27 42.15
CA HIS C 85 -3.43 -22.40 41.75
C HIS C 85 -1.95 -22.04 41.86
N PRO C 86 -1.12 -23.00 42.25
CA PRO C 86 0.28 -22.67 42.56
C PRO C 86 1.08 -22.17 41.37
N PHE C 87 0.49 -22.23 40.18
CA PHE C 87 1.19 -21.80 38.97
C PHE C 87 0.64 -20.50 38.36
N LEU C 88 -0.52 -20.06 38.86
CA LEU C 88 -1.18 -18.85 38.36
C LEU C 88 -0.85 -17.64 39.24
N HIS C 89 -0.77 -16.47 38.63
CA HIS C 89 -0.54 -15.24 39.39
C HIS C 89 -1.81 -14.45 39.43
N ARG C 90 -2.81 -14.93 38.70
CA ARG C 90 -4.12 -14.30 38.73
C ARG C 90 -5.11 -15.24 38.10
N TYR C 91 -6.38 -14.91 38.18
CA TYR C 91 -7.41 -15.80 37.69
C TYR C 91 -8.72 -15.06 37.55
N TYR C 92 -9.68 -15.73 36.95
CA TYR C 92 -10.96 -15.13 36.63
C TYR C 92 -11.96 -15.26 37.78
N GLN C 93 -12.29 -14.11 38.37
CA GLN C 93 -13.31 -14.05 39.41
C GLN C 93 -14.68 -13.70 38.81
N ARG C 94 -15.47 -14.71 38.46
CA ARG C 94 -16.83 -14.47 37.99
C ARG C 94 -17.58 -13.62 39.02
N GLN C 95 -17.15 -13.72 40.27
CA GLN C 95 -17.78 -13.02 41.39
C GLN C 95 -17.81 -11.49 41.19
N LEU C 96 -16.88 -10.97 40.39
CA LEU C 96 -16.76 -9.52 40.17
C LEU C 96 -17.16 -9.09 38.77
N SER C 97 -17.89 -9.93 38.06
CA SER C 97 -18.24 -9.58 36.70
C SER C 97 -19.74 -9.39 36.56
N SER C 98 -20.12 -8.13 36.35
CA SER C 98 -21.52 -7.74 36.21
C SER C 98 -22.12 -8.29 34.93
N THR C 99 -21.25 -8.74 34.05
CA THR C 99 -21.63 -9.20 32.72
C THR C 99 -21.57 -10.72 32.63
N TYR C 100 -21.06 -11.34 33.68
CA TYR C 100 -20.94 -12.77 33.73
C TYR C 100 -22.28 -13.45 33.82
N ARG C 101 -22.63 -14.26 32.82
CA ARG C 101 -23.80 -15.12 32.92
C ARG C 101 -23.34 -16.58 33.11
N ASP C 102 -23.80 -17.23 34.19
CA ASP C 102 -23.48 -18.63 34.50
C ASP C 102 -24.33 -19.61 33.65
N LEU C 103 -23.67 -20.60 33.06
CA LEU C 103 -24.33 -21.51 32.11
C LEU C 103 -24.87 -22.79 32.73
N ARG C 104 -24.46 -23.08 33.97
CA ARG C 104 -24.99 -24.21 34.71
C ARG C 104 -24.80 -25.52 33.94
N LYS C 105 -23.59 -25.72 33.44
CA LYS C 105 -23.17 -27.01 32.85
C LYS C 105 -21.74 -27.25 33.26
N GLY C 106 -21.37 -28.51 33.45
CA GLY C 106 -19.98 -28.84 33.70
C GLY C 106 -19.26 -29.18 32.40
N VAL C 107 -17.94 -29.02 32.40
CA VAL C 107 -17.13 -29.37 31.23
C VAL C 107 -15.76 -29.94 31.60
N TYR C 108 -15.34 -31.00 30.92
CA TYR C 108 -13.94 -31.44 31.00
C TYR C 108 -13.29 -31.47 29.62
N VAL C 109 -12.04 -31.05 29.57
CA VAL C 109 -11.31 -31.10 28.31
C VAL C 109 -10.06 -31.93 28.47
N PRO C 110 -10.00 -33.06 27.77
CA PRO C 110 -8.83 -33.93 27.77
C PRO C 110 -7.80 -33.53 26.72
N TYR C 111 -6.70 -32.91 27.13
CA TYR C 111 -5.63 -32.59 26.19
C TYR C 111 -4.62 -33.75 26.01
N THR C 112 -3.93 -33.74 24.88
CA THR C 112 -2.88 -34.73 24.66
C THR C 112 -1.83 -34.66 25.79
N GLN C 113 -1.68 -33.48 26.39
CA GLN C 113 -0.85 -33.32 27.56
C GLN C 113 -1.67 -32.58 28.62
N GLY C 114 -2.04 -33.27 29.71
CA GLY C 114 -2.83 -32.69 30.78
C GLY C 114 -4.34 -32.77 30.61
N LYS C 115 -5.09 -32.23 31.58
CA LYS C 115 -6.55 -32.13 31.50
C LYS C 115 -7.05 -31.04 32.43
N TRP C 116 -8.33 -30.71 32.33
CA TRP C 116 -8.95 -29.79 33.26
C TRP C 116 -10.48 -29.89 33.29
N GLU C 117 -11.07 -29.30 34.33
CA GLU C 117 -12.49 -29.36 34.60
C GLU C 117 -12.95 -27.96 34.95
N GLY C 118 -14.23 -27.67 34.76
CA GLY C 118 -14.77 -26.37 35.12
C GLY C 118 -16.22 -26.17 34.74
N GLU C 119 -16.78 -25.03 35.15
CA GLU C 119 -18.17 -24.72 34.83
C GLU C 119 -18.21 -23.74 33.67
N LEU C 120 -19.22 -23.91 32.82
CA LEU C 120 -19.42 -23.05 31.67
C LEU C 120 -20.08 -21.74 32.04
N GLY C 121 -19.92 -20.74 31.18
CA GLY C 121 -20.54 -19.45 31.40
C GLY C 121 -20.52 -18.65 30.13
N THR C 122 -20.74 -17.34 30.25
CA THR C 122 -20.45 -16.41 29.18
C THR C 122 -19.98 -15.13 29.86
N ASP C 123 -19.71 -14.10 29.05
CA ASP C 123 -19.17 -12.84 29.56
C ASP C 123 -18.54 -12.10 28.41
N LEU C 124 -18.31 -10.82 28.61
CA LEU C 124 -17.82 -9.96 27.55
C LEU C 124 -16.29 -10.06 27.51
N VAL C 125 -15.76 -10.32 26.32
CA VAL C 125 -14.32 -10.49 26.14
C VAL C 125 -13.75 -9.45 25.18
N SER C 126 -12.60 -8.90 25.54
CA SER C 126 -11.91 -7.97 24.66
C SER C 126 -10.48 -8.42 24.43
N ILE C 127 -9.92 -8.09 23.28
CA ILE C 127 -8.52 -8.38 23.03
C ILE C 127 -7.75 -7.08 22.88
N PRO C 128 -7.16 -6.58 23.97
CA PRO C 128 -6.37 -5.35 23.96
C PRO C 128 -5.60 -5.10 22.65
N HIS C 129 -4.47 -5.78 22.43
CA HIS C 129 -3.75 -5.56 21.18
C HIS C 129 -4.27 -6.44 20.05
N GLY C 130 -5.58 -6.41 19.83
CA GLY C 130 -6.19 -7.00 18.66
C GLY C 130 -7.17 -5.98 18.11
N PRO C 131 -8.26 -6.43 17.46
CA PRO C 131 -9.33 -5.51 17.09
C PRO C 131 -9.76 -4.61 18.24
N ASN C 132 -10.71 -3.72 17.97
CA ASN C 132 -11.32 -2.96 19.05
C ASN C 132 -12.76 -3.41 19.17
N VAL C 133 -12.93 -4.72 19.25
CA VAL C 133 -14.25 -5.32 19.40
C VAL C 133 -14.56 -5.71 20.83
N THR C 134 -15.70 -6.38 21.00
CA THR C 134 -16.19 -6.83 22.29
C THR C 134 -17.36 -7.78 22.05
N VAL C 135 -17.10 -9.06 22.29
CA VAL C 135 -18.07 -10.10 21.98
C VAL C 135 -18.44 -10.88 23.23
N ARG C 136 -19.59 -11.56 23.16
CA ARG C 136 -20.01 -12.46 24.20
C ARG C 136 -19.79 -13.91 23.78
N ALA C 137 -18.73 -14.52 24.30
CA ALA C 137 -18.41 -15.90 23.97
C ALA C 137 -18.48 -16.78 25.19
N ASN C 138 -18.68 -18.08 24.96
CA ASN C 138 -18.63 -19.06 26.02
C ASN C 138 -17.24 -19.10 26.63
N ILE C 139 -17.20 -19.23 27.95
CA ILE C 139 -15.96 -19.31 28.70
C ILE C 139 -16.09 -20.43 29.71
N ALA C 140 -15.15 -21.37 29.69
CA ALA C 140 -15.09 -22.37 30.75
C ALA C 140 -14.14 -21.90 31.84
N ALA C 141 -14.61 -22.01 33.08
CA ALA C 141 -13.79 -21.65 34.24
C ALA C 141 -12.97 -22.84 34.78
N ILE C 142 -11.65 -22.72 34.72
CA ILE C 142 -10.81 -23.81 35.17
C ILE C 142 -10.82 -23.86 36.69
N THR C 143 -11.58 -24.81 37.23
CA THR C 143 -11.65 -25.02 38.66
C THR C 143 -10.79 -26.21 39.08
N GLU C 144 -10.60 -27.16 38.16
CA GLU C 144 -9.83 -28.40 38.41
C GLU C 144 -8.85 -28.69 37.25
N SER C 145 -7.59 -28.99 37.56
CA SER C 145 -6.61 -29.30 36.50
C SER C 145 -5.42 -30.17 36.92
N ASP C 146 -5.07 -31.13 36.06
CA ASP C 146 -3.89 -31.97 36.24
C ASP C 146 -3.03 -31.88 35.02
N LYS C 147 -1.72 -31.79 35.19
CA LYS C 147 -0.81 -31.87 34.05
C LYS C 147 -1.11 -30.72 33.06
N PHE C 148 -1.55 -29.54 33.54
CA PHE C 148 -1.98 -28.47 32.59
C PHE C 148 -1.25 -27.12 32.67
N PHE C 149 -1.58 -26.29 33.66
CA PHE C 149 -0.90 -25.01 33.83
C PHE C 149 0.61 -25.20 33.97
N ILE C 150 1.41 -24.44 33.22
CA ILE C 150 2.85 -24.61 33.25
C ILE C 150 3.59 -23.60 34.15
N ASN C 151 4.37 -24.11 35.10
CA ASN C 151 5.09 -23.23 36.01
C ASN C 151 6.02 -22.32 35.25
N GLY C 152 5.66 -21.04 35.18
CA GLY C 152 6.52 -20.02 34.62
C GLY C 152 6.00 -19.57 33.28
N SER C 153 4.97 -20.28 32.81
CA SER C 153 4.39 -20.04 31.50
C SER C 153 3.86 -18.63 31.37
N ASN C 154 3.65 -17.96 32.49
CA ASN C 154 3.06 -16.64 32.49
C ASN C 154 1.70 -16.56 31.80
N TRP C 155 1.09 -17.69 31.47
CA TRP C 155 -0.24 -17.66 30.91
C TRP C 155 -1.25 -18.33 31.82
N GLU C 156 -2.43 -17.71 31.92
CA GLU C 156 -3.46 -18.13 32.87
C GLU C 156 -4.72 -18.71 32.23
N GLY C 157 -4.68 -19.00 30.94
CA GLY C 157 -5.83 -19.51 30.22
C GLY C 157 -5.46 -20.05 28.84
N ILE C 158 -6.45 -20.57 28.11
CA ILE C 158 -6.17 -21.14 26.79
C ILE C 158 -7.27 -20.76 25.78
N LEU C 159 -6.84 -20.25 24.64
CA LEU C 159 -7.80 -19.85 23.61
C LEU C 159 -7.83 -20.84 22.46
N GLY C 160 -8.83 -21.71 22.44
CA GLY C 160 -8.92 -22.74 21.44
C GLY C 160 -9.51 -22.22 20.14
N LEU C 161 -8.67 -22.09 19.12
CA LEU C 161 -9.07 -21.50 17.85
C LEU C 161 -9.53 -22.52 16.81
N ALA C 162 -9.80 -23.74 17.26
CA ALA C 162 -10.18 -24.80 16.34
C ALA C 162 -11.63 -24.64 15.98
N TYR C 163 -12.17 -25.63 15.28
CA TYR C 163 -13.55 -25.57 14.84
C TYR C 163 -14.46 -26.11 15.92
N ALA C 164 -15.76 -25.93 15.75
CA ALA C 164 -16.71 -26.26 16.78
C ALA C 164 -17.08 -27.72 16.83
N GLU C 165 -16.49 -28.56 15.98
CA GLU C 165 -16.92 -29.96 15.97
C GLU C 165 -16.09 -30.83 16.89
N ILE C 166 -15.25 -30.20 17.69
CA ILE C 166 -14.40 -30.92 18.61
C ILE C 166 -14.40 -30.15 19.93
N ALA C 167 -15.18 -29.08 19.95
CA ALA C 167 -15.42 -28.36 21.18
C ALA C 167 -16.06 -29.35 22.16
N ARG C 168 -15.85 -29.12 23.45
CA ARG C 168 -16.49 -29.91 24.50
C ARG C 168 -17.34 -28.96 25.33
N PRO C 169 -18.47 -29.43 25.86
CA PRO C 169 -19.06 -30.78 25.85
C PRO C 169 -19.49 -31.25 24.48
N ASP C 170 -19.91 -30.33 23.62
CA ASP C 170 -20.32 -30.68 22.25
C ASP C 170 -20.45 -29.46 21.33
N ASP C 171 -20.53 -29.72 20.02
CA ASP C 171 -20.46 -28.68 18.99
C ASP C 171 -21.40 -27.49 19.19
N SER C 172 -22.43 -27.71 20.00
CA SER C 172 -23.35 -26.63 20.34
C SER C 172 -22.64 -25.51 21.09
N LEU C 173 -21.46 -25.76 21.63
CA LEU C 173 -20.72 -24.71 22.31
C LEU C 173 -19.82 -23.89 21.37
N GLU C 174 -20.33 -22.73 20.96
CA GLU C 174 -19.67 -21.87 20.00
C GLU C 174 -18.25 -21.46 20.41
N PRO C 175 -17.26 -21.93 19.64
CA PRO C 175 -15.84 -21.61 19.80
C PRO C 175 -15.68 -20.11 19.77
N PHE C 176 -14.77 -19.56 20.54
CA PHE C 176 -14.61 -18.12 20.63
C PHE C 176 -14.47 -17.41 19.28
N PHE C 177 -13.64 -17.93 18.40
CA PHE C 177 -13.44 -17.25 17.12
C PHE C 177 -14.74 -17.20 16.33
N ASP C 178 -15.53 -18.27 16.43
CA ASP C 178 -16.84 -18.28 15.78
C ASP C 178 -17.66 -17.08 16.23
N SER C 179 -17.66 -16.81 17.53
CA SER C 179 -18.36 -15.67 18.07
C SER C 179 -17.81 -14.39 17.49
N LEU C 180 -16.50 -14.19 17.60
CA LEU C 180 -15.88 -12.98 17.08
C LEU C 180 -16.32 -12.70 15.65
N VAL C 181 -16.57 -13.77 14.89
CA VAL C 181 -17.04 -13.65 13.51
C VAL C 181 -18.55 -13.34 13.46
N LYS C 182 -19.37 -14.17 14.07
CA LYS C 182 -20.82 -13.96 14.06
C LYS C 182 -21.22 -12.61 14.68
N GLN C 183 -20.32 -12.00 15.45
CA GLN C 183 -20.68 -10.79 16.20
C GLN C 183 -19.91 -9.53 15.84
N THR C 184 -19.10 -9.57 14.79
CA THR C 184 -18.34 -8.37 14.39
C THR C 184 -17.87 -8.36 12.95
N HIS C 185 -17.22 -7.27 12.57
CA HIS C 185 -16.80 -7.07 11.17
C HIS C 185 -15.47 -7.79 10.86
N VAL C 186 -14.87 -8.37 11.89
CA VAL C 186 -13.66 -9.18 11.71
C VAL C 186 -13.96 -10.35 10.77
N PRO C 187 -13.15 -10.49 9.70
CA PRO C 187 -13.35 -11.56 8.71
C PRO C 187 -12.84 -12.94 9.17
N ASN C 188 -13.46 -14.00 8.65
CA ASN C 188 -13.16 -15.39 9.07
C ASN C 188 -11.74 -15.84 8.78
N LEU C 189 -10.76 -15.21 9.41
CA LEU C 189 -9.38 -15.52 9.13
C LEU C 189 -8.47 -14.97 10.22
N PHE C 190 -7.42 -15.72 10.55
CA PHE C 190 -6.39 -15.19 11.42
C PHE C 190 -5.07 -15.80 10.99
N SER C 191 -3.97 -15.26 11.48
CA SER C 191 -2.67 -15.77 11.11
C SER C 191 -1.66 -15.62 12.23
N LEU C 192 -0.80 -16.62 12.37
CA LEU C 192 0.19 -16.65 13.44
C LEU C 192 1.60 -16.61 12.89
N GLN C 193 2.47 -15.94 13.62
CA GLN C 193 3.88 -15.95 13.32
C GLN C 193 4.56 -16.09 14.67
N LEU C 194 5.03 -17.30 14.95
CA LEU C 194 5.62 -17.61 16.23
C LEU C 194 7.13 -17.47 16.11
N CYS C 195 7.68 -16.51 16.84
CA CYS C 195 9.10 -16.17 16.71
C CYS C 195 9.98 -16.81 17.77
N GLY C 196 10.51 -18.00 17.47
CA GLY C 196 11.26 -18.75 18.46
C GLY C 196 12.58 -18.13 18.91
N ALA C 197 13.42 -18.95 19.54
CA ALA C 197 14.73 -18.53 20.05
C ALA C 197 15.85 -19.52 19.68
N VAL C 210 11.14 -13.91 23.41
CA VAL C 210 10.21 -14.87 22.82
C VAL C 210 8.89 -14.24 22.34
N GLY C 211 8.90 -13.55 21.20
CA GLY C 211 7.71 -12.87 20.71
C GLY C 211 6.84 -13.61 19.69
N GLY C 212 6.09 -12.85 18.90
CA GLY C 212 5.21 -13.44 17.90
C GLY C 212 3.97 -12.58 17.65
N SER C 213 3.23 -12.89 16.59
CA SER C 213 2.09 -12.05 16.24
C SER C 213 0.87 -12.86 15.86
N MET C 214 -0.29 -12.48 16.38
CA MET C 214 -1.50 -13.07 15.89
C MET C 214 -2.32 -12.01 15.21
N ILE C 215 -2.21 -11.92 13.88
CA ILE C 215 -3.00 -10.99 13.10
C ILE C 215 -4.41 -11.54 12.95
N ILE C 216 -5.32 -10.92 13.67
CA ILE C 216 -6.72 -11.34 13.74
C ILE C 216 -7.50 -10.64 12.64
N GLY C 217 -8.02 -11.41 11.70
CA GLY C 217 -8.78 -10.84 10.60
C GLY C 217 -7.98 -10.57 9.33
N GLY C 218 -6.65 -10.64 9.40
CA GLY C 218 -5.83 -10.30 8.24
C GLY C 218 -4.54 -11.06 7.96
N ILE C 219 -3.88 -10.66 6.87
CA ILE C 219 -2.62 -11.24 6.44
C ILE C 219 -1.53 -10.18 6.30
N ASP C 220 -0.65 -10.05 7.28
CA ASP C 220 0.33 -8.96 7.28
C ASP C 220 1.61 -9.31 6.53
N HIS C 221 2.02 -8.43 5.63
CA HIS C 221 3.13 -8.71 4.72
C HIS C 221 4.51 -8.40 5.30
N SER C 222 4.57 -7.69 6.42
CA SER C 222 5.85 -7.42 7.04
C SER C 222 6.30 -8.69 7.75
N LEU C 223 5.38 -9.64 7.84
CA LEU C 223 5.58 -10.84 8.63
C LEU C 223 6.05 -12.05 7.82
N TYR C 224 6.31 -11.87 6.53
CA TYR C 224 6.85 -12.97 5.72
C TYR C 224 7.59 -12.54 4.45
N THR C 225 8.23 -13.49 3.79
CA THR C 225 8.96 -13.24 2.56
C THR C 225 8.64 -14.33 1.56
N GLY C 226 8.68 -13.98 0.28
CA GLY C 226 8.23 -14.90 -0.75
C GLY C 226 6.72 -14.95 -0.70
N SER C 227 6.13 -16.05 -1.15
CA SER C 227 4.70 -16.09 -1.37
C SER C 227 4.00 -17.11 -0.48
N LEU C 228 2.73 -16.86 -0.18
CA LEU C 228 1.93 -17.82 0.55
C LEU C 228 1.51 -18.96 -0.34
N TRP C 229 1.82 -20.17 0.10
CA TRP C 229 1.28 -21.36 -0.54
C TRP C 229 0.17 -21.95 0.32
N TYR C 230 -0.90 -22.43 -0.31
CA TYR C 230 -2.06 -22.90 0.44
C TYR C 230 -2.30 -24.39 0.31
N THR C 231 -2.65 -25.02 1.44
CA THR C 231 -3.15 -26.37 1.45
C THR C 231 -4.61 -26.38 1.93
N PRO C 232 -5.42 -27.25 1.32
CA PRO C 232 -6.83 -27.43 1.63
C PRO C 232 -7.01 -27.98 3.02
N ILE C 233 -7.76 -27.31 3.89
CA ILE C 233 -8.24 -27.94 5.11
C ILE C 233 -9.13 -29.09 4.66
N ARG C 234 -8.79 -30.32 5.06
CA ARG C 234 -9.50 -31.50 4.58
C ARG C 234 -10.91 -31.58 5.18
N ARG C 235 -11.02 -31.10 6.42
CA ARG C 235 -12.22 -31.28 7.25
C ARG C 235 -12.17 -30.28 8.36
N GLU C 236 -13.31 -29.64 8.64
CA GLU C 236 -13.33 -28.64 9.69
C GLU C 236 -13.58 -29.23 11.10
N TRP C 237 -12.48 -29.54 11.79
CA TRP C 237 -12.52 -29.86 13.21
C TRP C 237 -11.22 -29.35 13.84
N TYR C 238 -10.15 -30.12 13.75
CA TYR C 238 -8.84 -29.50 13.88
C TYR C 238 -8.58 -28.82 12.53
N TYR C 239 -7.48 -28.10 12.43
CA TYR C 239 -7.09 -27.62 11.12
C TYR C 239 -6.36 -28.77 10.44
N GLU C 240 -7.13 -29.69 9.88
CA GLU C 240 -6.56 -30.91 9.32
C GLU C 240 -6.06 -30.73 7.89
N VAL C 241 -4.77 -30.95 7.68
CA VAL C 241 -4.17 -30.92 6.36
C VAL C 241 -3.76 -32.32 5.94
N ILE C 242 -3.22 -32.44 4.73
CA ILE C 242 -2.70 -33.72 4.23
C ILE C 242 -1.24 -33.61 3.74
N ILE C 243 -0.36 -34.45 4.30
CA ILE C 243 1.04 -34.51 3.89
C ILE C 243 1.17 -35.57 2.78
N VAL C 244 1.81 -35.23 1.65
CA VAL C 244 1.95 -36.18 0.54
C VAL C 244 3.37 -36.74 0.32
N ARG C 245 4.34 -36.22 1.07
CA ARG C 245 5.72 -36.62 0.89
C ARG C 245 6.57 -36.01 1.99
N VAL C 246 7.51 -36.80 2.51
CA VAL C 246 8.41 -36.34 3.57
C VAL C 246 9.85 -36.64 3.17
N GLU C 247 10.73 -35.68 3.36
CA GLU C 247 12.15 -35.92 3.09
C GLU C 247 13.02 -35.42 4.21
N ILE C 248 14.10 -36.15 4.49
CA ILE C 248 15.19 -35.68 5.32
C ILE C 248 16.37 -35.43 4.38
N ASN C 249 16.95 -34.23 4.42
CA ASN C 249 18.00 -33.83 3.48
C ASN C 249 17.75 -34.28 2.04
N GLY C 250 16.50 -34.21 1.64
CA GLY C 250 16.14 -34.48 0.27
C GLY C 250 15.87 -35.94 0.01
N GLN C 251 16.30 -36.78 0.93
CA GLN C 251 16.09 -38.20 0.78
C GLN C 251 14.68 -38.55 1.17
N ASP C 252 14.00 -39.29 0.32
CA ASP C 252 12.59 -39.59 0.51
C ASP C 252 12.39 -40.70 1.54
N LEU C 253 11.51 -40.46 2.51
CA LEU C 253 11.24 -41.43 3.57
C LEU C 253 10.53 -42.67 3.02
N LYS C 254 10.20 -42.59 1.73
CA LYS C 254 9.55 -43.69 0.98
C LYS C 254 8.58 -44.54 1.80
N MET C 255 7.63 -43.88 2.46
CA MET C 255 6.54 -44.60 3.10
C MET C 255 5.28 -44.41 2.30
N ASP C 256 4.30 -45.28 2.53
CA ASP C 256 3.04 -45.10 1.85
C ASP C 256 2.34 -43.86 2.38
N CYS C 257 2.04 -42.95 1.47
CA CYS C 257 1.29 -41.74 1.79
C CYS C 257 0.42 -41.81 3.07
N LYS C 258 -0.52 -42.76 3.14
CA LYS C 258 -1.47 -42.77 4.25
C LYS C 258 -0.78 -42.79 5.60
N GLU C 259 0.42 -43.34 5.66
CA GLU C 259 1.12 -43.45 6.92
C GLU C 259 1.47 -42.11 7.59
N TYR C 260 1.57 -41.04 6.80
CA TYR C 260 1.91 -39.73 7.32
C TYR C 260 0.71 -39.05 7.95
N ASN C 261 -0.48 -39.46 7.52
CA ASN C 261 -1.69 -38.80 7.96
C ASN C 261 -2.51 -39.81 8.73
N TYR C 262 -1.78 -40.75 9.34
CA TYR C 262 -2.42 -41.84 10.07
C TYR C 262 -3.17 -41.33 11.27
N ASP C 263 -4.46 -41.62 11.24
CA ASP C 263 -5.46 -40.93 12.03
C ASP C 263 -5.76 -39.60 11.39
N LYS C 264 -4.73 -38.77 11.24
CA LYS C 264 -4.93 -37.39 10.80
C LYS C 264 -3.63 -36.61 10.84
N SER C 265 -3.65 -35.40 10.26
CA SER C 265 -2.49 -34.53 10.24
C SER C 265 -2.99 -33.16 10.56
N ILE C 266 -2.42 -32.50 11.56
CA ILE C 266 -3.01 -31.22 11.96
C ILE C 266 -1.97 -30.15 12.25
N VAL C 267 -2.38 -28.90 12.13
CA VAL C 267 -1.57 -27.75 12.56
C VAL C 267 -2.04 -27.30 13.94
N ASP C 268 -1.09 -27.12 14.85
CA ASP C 268 -1.44 -26.89 16.25
C ASP C 268 -0.40 -26.11 17.06
N SER C 269 -0.62 -24.81 17.20
CA SER C 269 0.28 -23.93 17.92
C SER C 269 0.38 -24.26 19.41
N GLY C 270 -0.42 -25.22 19.86
CA GLY C 270 -0.49 -25.54 21.27
C GLY C 270 0.44 -26.66 21.67
N THR C 271 0.86 -27.44 20.67
CA THR C 271 1.85 -28.48 20.84
C THR C 271 3.24 -27.91 20.57
N THR C 272 4.24 -28.31 21.36
CA THR C 272 5.59 -27.84 21.11
C THR C 272 6.23 -28.58 19.96
N ASN C 273 6.28 -29.89 20.09
CA ASN C 273 6.96 -30.72 19.12
C ASN C 273 6.28 -30.80 17.76
N LEU C 274 7.07 -31.25 16.79
CA LEU C 274 6.55 -31.90 15.59
C LEU C 274 6.39 -33.37 16.00
N ARG C 275 5.15 -33.77 16.25
CA ARG C 275 4.84 -35.14 16.64
C ARG C 275 4.55 -35.95 15.38
N LEU C 276 5.00 -37.20 15.34
CA LEU C 276 4.81 -38.02 14.15
C LEU C 276 4.17 -39.36 14.50
N PRO C 277 3.34 -39.91 13.61
CA PRO C 277 2.80 -41.26 13.81
C PRO C 277 3.95 -42.23 14.06
N LYS C 278 3.68 -43.41 14.63
CA LYS C 278 4.77 -44.28 15.06
C LYS C 278 5.61 -44.83 13.90
N LYS C 279 5.00 -45.52 12.94
CA LYS C 279 5.79 -46.10 11.84
C LYS C 279 6.71 -45.02 11.28
N VAL C 280 6.19 -43.80 11.22
CA VAL C 280 6.86 -42.64 10.63
C VAL C 280 8.00 -42.14 11.51
N PHE C 281 7.68 -41.82 12.76
CA PHE C 281 8.72 -41.38 13.70
C PHE C 281 9.99 -42.26 13.65
N GLU C 282 9.84 -43.57 13.86
CA GLU C 282 11.01 -44.45 13.82
C GLU C 282 11.74 -44.22 12.47
N ALA C 283 11.01 -44.41 11.37
CA ALA C 283 11.54 -44.09 10.04
C ALA C 283 12.29 -42.76 9.99
N ALA C 284 11.67 -41.72 10.51
CA ALA C 284 12.25 -40.38 10.49
C ALA C 284 13.49 -40.27 11.36
N VAL C 285 13.47 -40.97 12.48
CA VAL C 285 14.57 -40.86 13.42
C VAL C 285 15.77 -41.60 12.88
N LYS C 286 15.51 -42.70 12.18
CA LYS C 286 16.62 -43.48 11.63
C LYS C 286 17.39 -42.64 10.64
N SER C 287 16.62 -41.97 9.78
CA SER C 287 17.15 -41.14 8.71
C SER C 287 17.96 -39.95 9.26
N ILE C 288 17.43 -39.29 10.27
CA ILE C 288 18.10 -38.15 10.86
C ILE C 288 19.35 -38.62 11.61
N LYS C 289 19.23 -39.78 12.24
CA LYS C 289 20.32 -40.33 13.01
C LYS C 289 21.46 -40.55 12.05
N ALA C 290 21.14 -41.17 10.90
CA ALA C 290 22.11 -41.36 9.83
C ALA C 290 22.72 -40.05 9.36
N ALA C 291 21.87 -39.16 8.85
CA ALA C 291 22.29 -37.86 8.34
C ALA C 291 23.27 -37.12 9.24
N SER C 292 23.25 -37.43 10.54
CA SER C 292 23.99 -36.65 11.52
C SER C 292 25.05 -37.48 12.25
N SER C 293 25.48 -38.57 11.63
CA SER C 293 26.31 -39.54 12.31
C SER C 293 27.76 -39.10 12.52
N THR C 294 28.11 -37.89 12.12
CA THR C 294 29.46 -37.41 12.34
C THR C 294 29.68 -37.26 13.84
N GLU C 295 28.59 -37.10 14.56
CA GLU C 295 28.62 -37.14 16.02
C GLU C 295 27.58 -38.12 16.54
N LYS C 296 27.99 -39.02 17.42
CA LYS C 296 27.06 -39.97 17.98
C LYS C 296 26.33 -39.36 19.18
N PHE C 297 25.02 -39.59 19.26
CA PHE C 297 24.25 -39.12 20.40
C PHE C 297 23.56 -40.28 21.15
N PRO C 298 23.45 -40.17 22.48
CA PRO C 298 22.79 -41.20 23.28
C PRO C 298 21.36 -41.47 22.82
N ASP C 299 20.98 -42.74 22.72
CA ASP C 299 19.64 -43.13 22.31
C ASP C 299 18.57 -42.29 23.00
N GLY C 300 18.87 -41.89 24.25
CA GLY C 300 17.94 -41.13 25.06
C GLY C 300 17.72 -39.69 24.61
N PHE C 301 18.63 -39.20 23.78
CA PHE C 301 18.50 -37.87 23.20
C PHE C 301 17.40 -37.85 22.15
N TRP C 302 17.37 -38.89 21.34
CA TRP C 302 16.38 -39.00 20.30
C TRP C 302 15.00 -39.25 20.87
N LEU C 303 14.92 -39.46 22.17
CA LEU C 303 13.62 -39.65 22.81
C LEU C 303 13.25 -38.44 23.64
N GLY C 304 14.06 -37.39 23.53
CA GLY C 304 13.79 -36.13 24.20
C GLY C 304 13.91 -36.25 25.70
N GLU C 305 14.62 -37.29 26.14
CA GLU C 305 14.78 -37.55 27.55
C GLU C 305 16.12 -37.05 28.05
N GLN C 306 16.95 -36.53 27.15
CA GLN C 306 18.16 -35.84 27.58
C GLN C 306 18.66 -34.83 26.57
N LEU C 307 19.50 -33.92 27.04
CA LEU C 307 19.96 -32.79 26.24
C LEU C 307 21.23 -33.11 25.49
N VAL C 308 21.65 -32.17 24.67
CA VAL C 308 22.98 -32.20 24.08
C VAL C 308 23.52 -30.80 24.27
N CYS C 309 24.82 -30.72 24.52
CA CYS C 309 25.42 -29.45 24.82
C CYS C 309 26.67 -29.20 23.99
N TRP C 310 26.90 -27.95 23.64
CA TRP C 310 28.06 -27.59 22.84
C TRP C 310 28.66 -26.32 23.41
N GLN C 311 29.98 -26.18 23.33
CA GLN C 311 30.62 -24.93 23.70
C GLN C 311 29.82 -23.79 23.06
N ALA C 312 29.51 -22.76 23.84
CA ALA C 312 28.61 -21.70 23.37
C ALA C 312 28.95 -21.29 21.95
N GLY C 313 27.92 -21.28 21.09
CA GLY C 313 28.08 -20.82 19.71
C GLY C 313 28.55 -21.85 18.69
N THR C 314 29.29 -22.86 19.15
CA THR C 314 29.86 -23.86 18.24
C THR C 314 28.89 -24.98 17.85
N THR C 315 27.64 -24.86 18.29
CA THR C 315 26.59 -25.77 17.84
C THR C 315 26.73 -26.01 16.34
N PRO C 316 27.03 -27.26 15.96
CA PRO C 316 27.34 -27.64 14.59
C PRO C 316 26.05 -27.93 13.82
N TRP C 317 25.39 -26.88 13.33
CA TRP C 317 24.08 -27.08 12.74
C TRP C 317 24.14 -27.93 11.49
N ASN C 318 25.17 -27.75 10.67
CA ASN C 318 25.24 -28.42 9.37
C ASN C 318 25.22 -29.95 9.37
N ILE C 319 25.53 -30.57 10.50
CA ILE C 319 25.51 -32.02 10.49
C ILE C 319 24.10 -32.55 10.56
N PHE C 320 23.16 -31.72 10.99
CA PHE C 320 21.75 -32.12 11.05
C PHE C 320 21.01 -31.79 9.76
N PRO C 321 20.11 -32.69 9.34
CA PRO C 321 19.38 -32.57 8.07
C PRO C 321 18.26 -31.54 8.14
N VAL C 322 17.90 -30.94 7.01
CA VAL C 322 16.68 -30.16 6.99
C VAL C 322 15.56 -31.18 6.89
N ILE C 323 14.34 -30.77 7.17
CA ILE C 323 13.22 -31.69 7.06
C ILE C 323 12.17 -31.05 6.19
N SER C 324 11.73 -31.77 5.16
CA SER C 324 10.74 -31.20 4.26
C SER C 324 9.46 -31.99 4.29
N LEU C 325 8.35 -31.27 4.40
CA LEU C 325 7.04 -31.88 4.33
C LEU C 325 6.32 -31.32 3.13
N TYR C 326 5.89 -32.22 2.25
CA TYR C 326 5.11 -31.86 1.08
C TYR C 326 3.62 -31.91 1.39
N LEU C 327 2.96 -30.74 1.40
CA LEU C 327 1.50 -30.67 1.57
C LEU C 327 0.73 -30.67 0.24
N MET C 328 -0.49 -31.18 0.27
CA MET C 328 -1.35 -31.17 -0.90
C MET C 328 -1.76 -29.75 -1.22
N GLY C 329 -1.58 -29.33 -2.47
CA GLY C 329 -1.93 -27.98 -2.85
C GLY C 329 -3.38 -27.83 -3.29
N GLU C 330 -3.78 -26.61 -3.64
CA GLU C 330 -5.16 -26.46 -4.07
C GLU C 330 -5.34 -26.63 -5.59
N VAL C 331 -4.24 -26.77 -6.31
CA VAL C 331 -4.33 -27.05 -7.74
C VAL C 331 -4.21 -28.55 -7.96
N THR C 332 -5.19 -29.16 -8.62
CA THR C 332 -5.20 -30.60 -8.88
C THR C 332 -3.83 -31.16 -9.23
N ASN C 333 -3.43 -32.23 -8.55
CA ASN C 333 -2.14 -32.88 -8.83
C ASN C 333 -0.90 -32.03 -8.57
N GLN C 334 -1.07 -30.90 -7.90
CA GLN C 334 0.06 -30.10 -7.48
C GLN C 334 0.18 -30.22 -5.99
N SER C 335 1.41 -30.04 -5.50
CA SER C 335 1.68 -30.01 -4.08
C SER C 335 2.80 -29.01 -3.89
N PHE C 336 3.13 -28.69 -2.65
CA PHE C 336 4.29 -27.85 -2.36
C PHE C 336 4.97 -28.34 -1.10
N ARG C 337 6.15 -27.82 -0.81
CA ARG C 337 6.87 -28.35 0.33
C ARG C 337 7.29 -27.25 1.28
N ILE C 338 7.20 -27.55 2.57
CA ILE C 338 7.78 -26.71 3.61
C ILE C 338 9.01 -27.39 4.19
N THR C 339 10.02 -26.59 4.50
CA THR C 339 11.29 -27.13 4.94
C THR C 339 11.76 -26.45 6.21
N ILE C 340 12.00 -27.23 7.25
CA ILE C 340 12.51 -26.70 8.51
C ILE C 340 13.98 -27.09 8.72
N LEU C 341 14.61 -26.39 9.65
CA LEU C 341 16.02 -26.54 9.89
C LEU C 341 16.25 -27.22 11.21
N PRO C 342 17.47 -27.71 11.44
CA PRO C 342 17.80 -28.14 12.80
C PRO C 342 17.43 -27.05 13.81
N GLN C 343 17.58 -25.79 13.41
CA GLN C 343 17.20 -24.68 14.29
C GLN C 343 15.74 -24.73 14.77
N GLN C 344 14.87 -25.38 14.03
CA GLN C 344 13.50 -25.52 14.51
C GLN C 344 13.27 -26.78 15.33
N TYR C 345 13.99 -27.87 15.07
CA TYR C 345 13.66 -29.10 15.79
C TYR C 345 14.57 -29.42 16.99
N LEU C 346 15.60 -28.60 17.19
CA LEU C 346 16.40 -28.68 18.42
C LEU C 346 16.04 -27.51 19.34
N ARG C 347 14.99 -27.66 20.15
CA ARG C 347 14.55 -26.56 21.01
C ARG C 347 15.63 -26.23 22.05
N PRO C 348 15.98 -24.94 22.18
CA PRO C 348 17.01 -24.51 23.13
C PRO C 348 16.50 -24.65 24.55
N VAL C 349 17.38 -24.99 25.48
CA VAL C 349 16.98 -25.16 26.87
C VAL C 349 17.96 -24.45 27.81
N GLU C 350 17.44 -23.58 28.66
CA GLU C 350 18.26 -22.81 29.61
C GLU C 350 19.15 -23.69 30.51
N ASP C 351 20.33 -24.06 29.99
CA ASP C 351 21.26 -25.02 30.59
C ASP C 351 20.91 -25.51 32.00
N SER C 355 25.56 -23.06 32.35
CA SER C 355 26.97 -22.79 32.12
C SER C 355 27.20 -21.96 30.84
N GLN C 356 28.42 -22.03 30.32
CA GLN C 356 28.75 -21.44 29.02
C GLN C 356 28.66 -22.52 27.94
N ASP C 357 27.55 -23.26 27.97
CA ASP C 357 27.31 -24.38 27.07
C ASP C 357 25.90 -24.32 26.55
N ASP C 358 25.74 -24.23 25.23
CA ASP C 358 24.39 -24.21 24.66
C ASP C 358 23.83 -25.62 24.64
N CYS C 359 22.57 -25.76 25.00
CA CYS C 359 21.98 -27.07 25.26
C CYS C 359 20.66 -27.23 24.54
N TYR C 360 20.39 -28.43 24.03
CA TYR C 360 19.21 -28.59 23.19
C TYR C 360 18.43 -29.88 23.42
N LYS C 361 17.11 -29.79 23.25
CA LYS C 361 16.23 -30.95 23.28
C LYS C 361 15.69 -31.27 21.89
N PHE C 362 15.88 -32.51 21.48
CA PHE C 362 15.34 -32.98 20.21
C PHE C 362 13.83 -32.86 20.30
N ALA C 363 13.23 -32.05 19.44
CA ALA C 363 11.79 -31.81 19.58
C ALA C 363 10.92 -32.53 18.54
N ILE C 364 11.39 -33.65 18.01
CA ILE C 364 10.53 -34.49 17.19
C ILE C 364 10.15 -35.72 17.99
N SER C 365 8.87 -36.05 18.04
CA SER C 365 8.43 -37.09 18.96
C SER C 365 7.27 -37.92 18.42
N GLN C 366 7.06 -39.06 19.04
CA GLN C 366 6.10 -40.03 18.58
C GLN C 366 4.69 -39.60 18.96
N SER C 367 3.72 -40.12 18.22
CA SER C 367 2.31 -39.83 18.48
C SER C 367 1.43 -40.97 17.99
N SER C 368 0.34 -41.24 18.71
CA SER C 368 -0.64 -42.24 18.27
C SER C 368 -1.88 -41.59 17.65
N THR C 369 -1.95 -40.27 17.76
CA THR C 369 -3.08 -39.51 17.23
C THR C 369 -2.79 -38.91 15.84
N GLY C 370 -1.71 -39.34 15.21
CA GLY C 370 -1.37 -38.84 13.89
C GLY C 370 -0.40 -37.69 13.97
N THR C 371 -0.04 -37.12 12.83
CA THR C 371 0.89 -36.01 12.81
C THR C 371 0.34 -34.79 13.53
N VAL C 372 1.23 -34.08 14.20
CA VAL C 372 0.88 -32.80 14.80
C VAL C 372 1.99 -31.80 14.47
N MET C 373 1.67 -30.85 13.62
CA MET C 373 2.65 -29.83 13.27
C MET C 373 2.57 -28.69 14.27
N GLY C 374 3.35 -28.80 15.34
CA GLY C 374 3.32 -27.78 16.37
C GLY C 374 4.38 -26.71 16.19
N ALA C 375 4.78 -26.09 17.31
CA ALA C 375 5.73 -24.98 17.30
C ALA C 375 6.95 -25.21 16.41
N VAL C 376 7.50 -26.42 16.44
CA VAL C 376 8.66 -26.77 15.63
C VAL C 376 8.47 -26.37 14.17
N ILE C 377 7.34 -26.76 13.59
CA ILE C 377 7.02 -26.35 12.23
C ILE C 377 6.69 -24.86 12.15
N MET C 378 5.67 -24.45 12.88
CA MET C 378 5.17 -23.09 12.80
C MET C 378 6.23 -22.03 13.09
N GLU C 379 7.26 -22.37 13.84
CA GLU C 379 8.26 -21.37 14.18
C GLU C 379 9.14 -21.03 12.99
N GLY C 380 8.79 -21.57 11.83
CA GLY C 380 9.56 -21.30 10.64
C GLY C 380 8.70 -20.70 9.55
N PHE C 381 7.44 -20.47 9.85
CA PHE C 381 6.50 -20.04 8.83
C PHE C 381 5.46 -19.05 9.33
N TYR C 382 5.10 -18.11 8.48
CA TYR C 382 3.93 -17.30 8.71
C TYR C 382 2.79 -18.21 8.30
N VAL C 383 1.79 -18.36 9.16
CA VAL C 383 0.77 -19.36 8.89
C VAL C 383 -0.60 -18.73 8.84
N VAL C 384 -1.25 -18.84 7.70
CA VAL C 384 -2.52 -18.17 7.52
C VAL C 384 -3.67 -19.15 7.64
N PHE C 385 -4.47 -18.98 8.68
CA PHE C 385 -5.63 -19.84 8.87
C PHE C 385 -6.84 -19.27 8.17
N ASP C 386 -6.80 -19.35 6.83
CA ASP C 386 -7.83 -18.81 5.96
C ASP C 386 -9.08 -19.68 6.01
N ARG C 387 -9.84 -19.57 7.11
CA ARG C 387 -11.01 -20.39 7.34
C ARG C 387 -12.12 -20.04 6.35
N ALA C 388 -12.09 -18.81 5.86
CA ALA C 388 -13.08 -18.36 4.88
C ALA C 388 -13.04 -19.24 3.67
N ARG C 389 -11.86 -19.32 3.06
CA ARG C 389 -11.64 -20.14 1.87
C ARG C 389 -11.23 -21.58 2.19
N LYS C 390 -11.35 -21.97 3.46
CA LYS C 390 -11.12 -23.36 3.87
C LYS C 390 -9.74 -23.85 3.44
N ARG C 391 -8.69 -23.17 3.91
CA ARG C 391 -7.32 -23.49 3.53
C ARG C 391 -6.32 -22.92 4.52
N ILE C 392 -5.17 -23.58 4.63
CA ILE C 392 -4.07 -23.06 5.45
C ILE C 392 -2.93 -22.65 4.56
N GLY C 393 -2.40 -21.46 4.78
CA GLY C 393 -1.29 -20.99 3.98
C GLY C 393 -0.02 -20.95 4.77
N PHE C 394 1.09 -21.30 4.13
CA PHE C 394 2.40 -21.18 4.73
C PHE C 394 3.28 -20.28 3.87
N ALA C 395 4.12 -19.47 4.51
CA ALA C 395 5.06 -18.62 3.80
C ALA C 395 6.24 -18.45 4.72
N VAL C 396 7.45 -18.40 4.19
CA VAL C 396 8.62 -18.31 5.07
C VAL C 396 8.55 -17.16 6.08
N SER C 397 8.63 -17.49 7.37
CA SER C 397 8.57 -16.47 8.41
C SER C 397 9.73 -15.50 8.26
N ALA C 398 9.47 -14.24 8.55
CA ALA C 398 10.48 -13.20 8.41
C ALA C 398 11.29 -13.06 9.69
N CYS C 399 11.01 -13.94 10.65
CA CYS C 399 11.65 -13.87 11.96
C CYS C 399 12.06 -15.26 12.41
N HIS C 400 11.96 -16.22 11.50
CA HIS C 400 12.39 -17.58 11.77
C HIS C 400 13.91 -17.63 11.98
N VAL C 401 14.37 -18.53 12.83
CA VAL C 401 15.81 -18.68 13.08
C VAL C 401 16.49 -19.55 12.01
N HIS C 402 17.61 -19.08 11.49
CA HIS C 402 18.37 -19.81 10.46
C HIS C 402 19.83 -19.44 10.61
N ASP C 403 20.70 -20.14 9.89
CA ASP C 403 22.12 -19.78 9.85
C ASP C 403 22.45 -19.18 8.49
N GLU C 404 23.69 -18.77 8.32
CA GLU C 404 24.12 -18.05 7.12
C GLU C 404 23.86 -18.87 5.85
N PHE C 405 24.01 -20.19 5.99
CA PHE C 405 24.05 -21.08 4.84
C PHE C 405 22.74 -21.76 4.51
N ARG C 406 21.82 -21.83 5.45
CA ARG C 406 20.51 -22.41 5.16
C ARG C 406 19.38 -21.58 5.72
N THR C 407 18.24 -21.56 5.04
CA THR C 407 17.05 -20.98 5.65
C THR C 407 15.88 -21.91 5.43
N ALA C 408 14.79 -21.67 6.16
CA ALA C 408 13.57 -22.41 5.94
C ALA C 408 13.08 -22.08 4.55
N ALA C 409 12.19 -22.91 4.02
CA ALA C 409 11.55 -22.50 2.79
C ALA C 409 10.19 -23.10 2.58
N VAL C 410 9.40 -22.40 1.77
CA VAL C 410 8.21 -22.94 1.16
C VAL C 410 8.49 -22.83 -0.32
N GLU C 411 8.42 -23.94 -1.05
CA GLU C 411 8.72 -23.97 -2.48
C GLU C 411 7.70 -24.83 -3.19
N GLY C 412 7.47 -24.54 -4.47
CA GLY C 412 6.57 -25.32 -5.29
C GLY C 412 6.42 -24.69 -6.65
N PRO C 413 5.54 -25.23 -7.50
CA PRO C 413 4.75 -26.42 -7.20
C PRO C 413 5.46 -27.68 -7.69
N PHE C 414 5.00 -28.84 -7.25
CA PHE C 414 5.50 -30.12 -7.70
C PHE C 414 4.35 -30.97 -8.13
N VAL C 415 4.59 -31.86 -9.08
CA VAL C 415 3.52 -32.72 -9.54
C VAL C 415 3.47 -33.96 -8.67
N THR C 416 2.30 -34.26 -8.13
CA THR C 416 2.15 -35.51 -7.41
C THR C 416 0.78 -36.10 -7.70
N LEU C 417 0.75 -37.39 -8.04
CA LEU C 417 -0.50 -38.03 -8.43
C LEU C 417 -1.30 -38.60 -7.25
N ASP C 418 -2.58 -38.86 -7.48
CA ASP C 418 -3.46 -39.47 -6.47
C ASP C 418 -3.18 -38.98 -5.06
N MET C 419 -3.21 -37.66 -4.87
CA MET C 419 -2.91 -37.09 -3.56
C MET C 419 -3.99 -37.33 -2.53
N GLU C 420 -5.19 -37.65 -2.99
CA GLU C 420 -6.31 -37.82 -2.06
C GLU C 420 -6.25 -39.18 -1.39
N ASP C 421 -5.52 -40.12 -2.00
CA ASP C 421 -5.28 -41.42 -1.37
C ASP C 421 -4.33 -41.30 -0.18
N CYS C 422 -3.74 -40.12 -0.02
CA CYS C 422 -2.85 -39.84 1.10
C CYS C 422 -3.62 -39.68 2.39
N GLY C 423 -4.92 -39.43 2.28
CA GLY C 423 -5.75 -39.23 3.45
C GLY C 423 -6.26 -40.52 4.08
N TYR C 424 -6.31 -40.53 5.40
CA TYR C 424 -6.79 -41.70 6.11
C TYR C 424 -8.30 -41.63 6.35
N ASN C 425 -8.97 -42.77 6.21
CA ASN C 425 -10.40 -42.84 6.49
C ASN C 425 -10.71 -43.78 7.66
N ILE C 426 -11.41 -43.26 8.66
CA ILE C 426 -11.82 -44.04 9.85
C ILE C 426 -12.04 -45.53 9.55
CAE QSC D 1 8.43 23.54 4.91
CAT QSC D 1 6.26 27.36 7.63
CAY QSC D 1 7.52 27.76 6.90
CAZ QSC D 1 5.53 26.12 7.25
CBE QSC D 1 8.04 26.91 5.79
CBF QSC D 1 6.05 25.27 6.14
NBR QSC D 1 6.77 24.47 3.42
CCI QSC D 1 7.31 25.66 5.43
CCL QSC D 1 7.84 24.78 4.30
CAG ZSC D 2 2.85 26.10 -2.68
CAH ZSC D 2 4.85 28.80 -1.27
OAJ ZSC D 2 7.82 25.62 1.69
OAK ZSC D 2 2.88 21.12 -0.70
OAP ZSC D 2 2.15 28.52 -1.54
OAQ ZSC D 2 3.16 27.93 0.55
CBH ZSC D 2 5.10 23.25 1.22
CBI ZSC D 2 5.13 25.72 0.33
CBJ ZSC D 2 3.34 24.02 -0.57
CBX ZSC D 2 6.86 24.96 2.08
CBY ZSC D 2 3.34 21.60 0.34
CCF ZSC D 2 5.71 24.65 1.19
CCG ZSC D 2 3.94 22.99 0.32
CCI ZSC D 2 3.95 25.40 -0.55
NCS ZSC D 2 3.38 26.43 -1.42
SCU ZSC D 2 3.34 27.94 -0.89
N PSA D 3 3.38 20.93 1.62
CA PSA D 3 2.85 19.58 1.68
CB PSA D 3 3.86 18.63 2.32
CG PSA D 3 5.28 19.22 2.25
CD1 PSA D 3 5.96 19.48 0.94
CD2 PSA D 3 6.03 19.55 3.53
CE1 PSA D 3 7.35 20.05 0.92
CE2 PSA D 3 7.42 20.12 3.49
CZ PSA D 3 8.08 20.37 2.18
CH PSA D 3 1.52 19.67 2.43
OH PSA D 3 1.50 20.51 3.52
CM PSA D 3 0.30 19.81 1.54
C PSA D 3 0.19 18.62 0.58
O PSA D 3 0.72 18.64 -0.54
N LEU D 4 -0.57 17.44 0.99
CA LEU D 4 -0.65 16.36 -0.02
C LEU D 4 -1.32 16.95 -1.26
N ALA D 5 -1.03 16.40 -2.53
CA ALA D 5 -1.70 16.95 -3.71
C ALA D 5 -2.50 15.90 -4.40
N ZAE D 6 -3.73 16.22 -5.09
CA ZAE D 6 -4.42 15.09 -5.78
C ZAE D 6 -5.86 14.96 -5.34
O ZAE D 6 -6.78 15.22 -6.09
CB ZAE D 6 -4.28 15.18 -7.32
CG ZAE D 6 -2.83 15.00 -7.77
CD1 ZAE D 6 -2.27 13.64 -7.89
CD2 ZAE D 6 -1.99 16.21 -8.11
CE1 ZAE D 6 -0.85 13.46 -8.34
CE2 ZAE D 6 -0.58 16.05 -8.56
CZ ZAE D 6 0.00 14.68 -8.68
C10 ZAE D 6 -4.26 17.58 -5.17
CM PLJ D 7 -10.22 16.99 -4.17
O PLJ D 7 -7.58 16.70 -3.52
CG PLJ D 7 -6.10 13.26 -2.01
CB PLJ D 7 -7.52 13.64 -2.24
CD PLJ D 7 -5.28 14.12 -2.95
OXT PLJ D 7 -9.59 15.76 -3.97
C PLJ D 7 -8.28 15.67 -3.52
CA PLJ D 7 -7.57 14.35 -3.57
N PLJ D 7 -6.20 14.50 -4.01
CAE QSC E 1 -6.69 6.93 -28.12
CAT QSC E 1 -6.78 3.53 -24.15
CAY QSC E 1 -8.19 3.60 -24.68
CAZ QSC E 1 -5.65 4.17 -24.87
CBE QSC E 1 -8.43 4.35 -25.96
CBF QSC E 1 -5.90 4.92 -26.15
NBR QSC E 1 -7.43 4.76 -29.01
CCI QSC E 1 -7.29 5.01 -26.67
CCL QSC E 1 -7.60 5.73 -27.97
CAG ZSC E 2 -9.74 -1.06 -33.24
CAH ZSC E 2 -11.96 -0.33 -30.53
OAJ ZSC E 2 -9.62 3.95 -28.86
OAK ZSC E 2 -5.48 2.27 -34.51
OAP ZSC E 2 -10.54 -2.53 -30.98
OAQ ZSC E 2 -9.57 -0.91 -29.48
CBH ZSC E 2 -7.02 3.15 -31.37
CBI ZSC E 2 -9.07 1.67 -30.67
CBJ ZSC E 2 -7.56 0.96 -32.69
CBX ZSC E 2 -8.51 3.89 -29.38
CBY ZSC E 2 -5.49 2.53 -33.32
CCF ZSC E 2 -8.22 2.89 -30.47
CCG ZSC E 2 -6.71 2.19 -32.45
CCI ZSC E 2 -8.75 0.72 -31.79
NCS ZSC E 2 -9.59 -0.47 -31.97
SCU ZSC E 2 -10.36 -1.10 -30.69
N PSA E 3 -4.38 3.20 -32.64
CA PSA E 3 -3.18 3.58 -33.39
CB PSA E 3 -2.74 4.99 -33.08
CG PSA E 3 -3.99 5.81 -32.77
CD1 PSA E 3 -3.95 6.78 -31.65
CD2 PSA E 3 -5.24 5.61 -33.60
CE1 PSA E 3 -5.18 7.59 -31.34
CE2 PSA E 3 -6.45 6.41 -33.28
CZ PSA E 3 -6.41 7.39 -32.15
CH PSA E 3 -2.05 2.61 -33.06
OH PSA E 3 -1.60 2.66 -31.76
CM PSA E 3 -2.11 1.27 -33.81
C PSA E 3 -1.88 1.51 -35.33
O PSA E 3 -2.83 1.60 -36.13
N LEU E 4 -0.50 1.60 -35.84
CA LEU E 4 -0.21 1.82 -37.30
C LEU E 4 -0.89 0.75 -38.15
N ALA E 5 -1.36 1.13 -39.44
CA ALA E 5 -2.00 0.05 -40.16
C ALA E 5 -1.32 -0.24 -41.46
N ZAE E 6 -1.41 -1.60 -41.95
CA ZAE E 6 -0.78 -1.94 -43.23
C ZAE E 6 0.26 -3.02 -43.07
O ZAE E 6 0.10 -4.15 -43.53
CB ZAE E 6 -1.90 -2.37 -44.19
CG ZAE E 6 -2.69 -1.16 -44.65
CD1 ZAE E 6 -4.18 -1.26 -44.75
CD2 ZAE E 6 -1.99 0.11 -45.02
CE1 ZAE E 6 -4.97 -0.08 -45.21
CE2 ZAE E 6 -2.76 1.30 -45.49
CZ ZAE E 6 -4.24 1.20 -45.59
C10 ZAE E 6 -2.14 -2.63 -41.21
CM PLJ E 7 2.23 -7.21 -42.88
O PLJ E 7 1.13 -5.33 -41.18
CG PLJ E 7 3.05 -1.62 -40.92
CB PLJ E 7 3.47 -3.03 -41.09
CD PLJ E 7 1.80 -1.41 -41.76
OXT PLJ E 7 2.88 -6.08 -42.39
C PLJ E 7 2.16 -5.05 -41.79
CA PLJ E 7 2.56 -3.64 -42.14
N PLJ E 7 1.48 -2.71 -42.35
CAE QSC F 1 2.60 -24.67 26.44
CAT QSC F 1 4.91 -23.76 21.73
CAY QSC F 1 5.81 -23.67 22.92
CAZ QSC F 1 3.59 -24.43 21.84
CBE QSC F 1 5.32 -24.29 24.21
CBF QSC F 1 3.10 -25.04 23.12
NBR QSC F 1 2.61 -26.69 25.02
CCI QSC F 1 3.96 -24.94 24.32
CCL QSC F 1 3.40 -25.62 25.57
CAG ZSC F 2 2.55 -34.15 23.64
CAH ZSC F 2 5.97 -33.53 24.04
OAJ ZSC F 2 4.00 -28.14 26.11
OAK ZSC F 2 -1.90 -31.65 23.91
OAP ZSC F 2 4.75 -33.75 21.76
OAQ ZSC F 2 5.07 -31.49 22.67
CBH ZSC F 2 0.83 -29.23 24.66
CBI ZSC F 2 3.14 -30.43 24.47
CBJ ZSC F 2 0.95 -31.67 23.81
CBX ZSC F 2 3.06 -28.01 25.35
CBY ZSC F 2 -1.36 -30.56 23.95
CCF ZSC F 2 2.34 -29.24 24.84
CCG ZSC F 2 0.16 -30.47 24.18
CCI ZSC F 2 2.45 -31.67 23.96
NCS ZSC F 2 3.20 -32.90 23.56
SCU ZSC F 2 4.72 -32.87 22.96
N PSA F 3 -2.02 -29.28 23.86
CA PSA F 3 -3.40 -29.04 23.63
CB PSA F 3 -3.56 -27.70 24.30
CG PSA F 3 -2.64 -27.58 25.51
CD1 PSA F 3 -2.69 -28.70 26.48
CD2 PSA F 3 -1.73 -26.37 25.72
CE1 PSA F 3 -1.81 -28.60 27.68
CE2 PSA F 3 -0.86 -26.28 26.94
CZ PSA F 3 -0.92 -27.40 27.88
CH PSA F 3 -3.33 -28.82 22.11
OH PSA F 3 -2.13 -28.21 21.76
CM PSA F 3 -4.00 -29.82 21.14
C PSA F 3 -4.92 -30.77 21.93
O PSA F 3 -4.49 -31.56 22.74
N LEU F 4 -6.37 -30.67 21.71
CA LEU F 4 -7.22 -31.59 22.52
C LEU F 4 -6.93 -33.00 22.04
N ALA F 5 -7.42 -34.07 22.84
CA ALA F 5 -7.24 -35.46 22.51
C ALA F 5 -8.54 -36.17 22.52
N ZAE F 6 -8.73 -37.27 21.62
CA ZAE F 6 -9.98 -38.04 21.60
C ZAE F 6 -10.53 -38.14 20.16
O ZAE F 6 -10.53 -39.22 19.58
CB ZAE F 6 -9.65 -39.40 22.32
CG ZAE F 6 -9.86 -39.32 23.82
CD1 ZAE F 6 -8.77 -39.29 24.84
CD2 ZAE F 6 -11.30 -39.28 24.17
CE1 ZAE F 6 -9.21 -39.17 26.27
CE2 ZAE F 6 -11.75 -39.16 25.57
CZ ZAE F 6 -10.68 -39.11 26.60
C10 ZAE F 6 -7.66 -37.63 20.72
CM PLJ F 7 -10.61 -39.89 16.03
O PLJ F 7 -9.51 -37.75 17.14
CG PLJ F 7 -11.33 -34.65 18.92
CB PLJ F 7 -11.10 -35.48 17.71
CD PLJ F 7 -11.04 -35.62 20.03
OXT PLJ F 7 -11.35 -39.03 16.84
C PLJ F 7 -10.74 -37.87 17.29
CA PLJ F 7 -11.50 -36.88 18.11
N PLJ F 7 -11.02 -36.95 19.46
#